data_1X41
#
_entry.id   1X41
#
_entity_poly.entity_id   1
_entity_poly.type   'polypeptide(L)'
_entity_poly.pdbx_seq_one_letter_code
;GSSGSSGDPSWTAQEEMALLEAVMDCGFGNWQDVANQMCTKTKEECEKHYMKYFSGPSSG
;
_entity_poly.pdbx_strand_id   A
#
# COMPACT_ATOMS: atom_id res chain seq x y z
N GLY A 1 -11.60 11.25 4.89
CA GLY A 1 -12.94 10.70 4.88
C GLY A 1 -13.14 9.67 3.77
N SER A 2 -12.23 8.71 3.70
CA SER A 2 -12.29 7.66 2.68
C SER A 2 -11.84 6.32 3.25
N SER A 3 -12.57 5.27 2.90
CA SER A 3 -12.24 3.93 3.38
C SER A 3 -11.20 3.27 2.47
N GLY A 4 -11.41 3.36 1.17
CA GLY A 4 -10.48 2.77 0.23
C GLY A 4 -11.19 2.09 -0.93
N SER A 5 -12.07 2.82 -1.61
CA SER A 5 -12.81 2.27 -2.73
C SER A 5 -12.10 2.56 -4.05
N SER A 6 -11.22 1.65 -4.46
CA SER A 6 -10.47 1.81 -5.70
C SER A 6 -9.63 0.57 -5.98
N GLY A 7 -10.01 -0.16 -7.03
CA GLY A 7 -9.28 -1.36 -7.40
C GLY A 7 -8.08 -1.07 -8.30
N ASP A 8 -7.50 -2.11 -8.86
CA ASP A 8 -6.34 -1.97 -9.74
C ASP A 8 -6.07 -3.27 -10.49
N PRO A 9 -5.69 -3.15 -11.77
CA PRO A 9 -5.39 -4.30 -12.61
C PRO A 9 -4.08 -4.99 -12.21
N SER A 10 -3.41 -4.42 -11.22
CA SER A 10 -2.16 -4.99 -10.72
C SER A 10 -2.28 -5.41 -9.27
N TRP A 11 -2.58 -4.45 -8.40
CA TRP A 11 -2.73 -4.73 -6.97
C TRP A 11 -4.12 -5.27 -6.66
N THR A 12 -4.31 -5.72 -5.44
CA THR A 12 -5.60 -6.26 -5.01
C THR A 12 -6.09 -5.57 -3.75
N ALA A 13 -7.37 -5.77 -3.44
CA ALA A 13 -7.97 -5.17 -2.26
C ALA A 13 -7.25 -5.59 -0.99
N GLN A 14 -6.85 -6.86 -0.94
CA GLN A 14 -6.14 -7.39 0.22
C GLN A 14 -4.81 -6.67 0.42
N GLU A 15 -4.05 -6.52 -0.65
CA GLU A 15 -2.76 -5.85 -0.59
C GLU A 15 -2.90 -4.46 0.04
N GLU A 16 -3.89 -3.71 -0.43
CA GLU A 16 -4.13 -2.37 0.09
C GLU A 16 -4.23 -2.38 1.62
N MET A 17 -5.24 -3.08 2.13
CA MET A 17 -5.44 -3.17 3.57
C MET A 17 -4.18 -3.66 4.28
N ALA A 18 -3.55 -4.68 3.71
CA ALA A 18 -2.33 -5.25 4.28
C ALA A 18 -1.24 -4.19 4.36
N LEU A 19 -1.15 -3.35 3.34
CA LEU A 19 -0.14 -2.30 3.30
C LEU A 19 -0.28 -1.37 4.50
N LEU A 20 -1.49 -0.92 4.76
CA LEU A 20 -1.76 -0.02 5.88
C LEU A 20 -1.43 -0.70 7.21
N GLU A 21 -2.07 -1.84 7.46
CA GLU A 21 -1.85 -2.59 8.69
C GLU A 21 -0.36 -2.66 9.02
N ALA A 22 0.43 -3.09 8.06
CA ALA A 22 1.88 -3.21 8.24
C ALA A 22 2.50 -1.84 8.49
N VAL A 23 2.03 -0.84 7.75
CA VAL A 23 2.55 0.52 7.89
C VAL A 23 2.25 1.09 9.27
N MET A 24 1.17 0.61 9.89
CA MET A 24 0.78 1.07 11.22
C MET A 24 1.30 0.12 12.29
N ASP A 25 1.52 -1.14 11.91
CA ASP A 25 2.02 -2.15 12.84
C ASP A 25 3.52 -2.02 13.02
N CYS A 26 4.22 -1.72 11.94
CA CYS A 26 5.67 -1.57 11.97
C CYS A 26 6.07 -0.10 11.98
N GLY A 27 5.66 0.63 10.94
CA GLY A 27 5.97 2.04 10.84
C GLY A 27 6.40 2.45 9.44
N PHE A 28 6.43 3.75 9.20
CA PHE A 28 6.82 4.26 7.89
C PHE A 28 8.33 4.13 7.68
N GLY A 29 8.73 3.91 6.42
CA GLY A 29 10.14 3.77 6.10
C GLY A 29 10.62 2.34 6.25
N ASN A 30 9.92 1.56 7.07
CA ASN A 30 10.27 0.16 7.29
C ASN A 30 9.76 -0.72 6.15
N TRP A 31 9.91 -0.24 4.92
CA TRP A 31 9.46 -0.98 3.75
C TRP A 31 9.78 -2.47 3.90
N GLN A 32 10.88 -2.77 4.56
CA GLN A 32 11.30 -4.15 4.77
C GLN A 32 10.27 -4.91 5.61
N ASP A 33 10.06 -4.45 6.83
CA ASP A 33 9.12 -5.08 7.74
C ASP A 33 7.74 -5.18 7.09
N VAL A 34 7.31 -4.11 6.44
CA VAL A 34 6.01 -4.08 5.78
C VAL A 34 5.91 -5.17 4.72
N ALA A 35 7.01 -5.41 4.02
CA ALA A 35 7.05 -6.43 2.98
C ALA A 35 6.56 -7.77 3.51
N ASN A 36 6.51 -7.90 4.83
CA ASN A 36 6.05 -9.14 5.46
C ASN A 36 4.70 -9.57 4.90
N GLN A 37 3.69 -8.72 5.09
CA GLN A 37 2.35 -9.02 4.60
C GLN A 37 2.19 -8.56 3.15
N MET A 38 3.09 -7.69 2.69
CA MET A 38 3.04 -7.19 1.33
C MET A 38 3.91 -8.03 0.41
N CYS A 39 4.59 -9.02 0.98
CA CYS A 39 5.46 -9.90 0.21
C CYS A 39 4.92 -10.09 -1.21
N THR A 40 3.60 -10.02 -1.34
CA THR A 40 2.96 -10.20 -2.64
C THR A 40 3.64 -9.35 -3.71
N LYS A 41 4.45 -8.39 -3.27
CA LYS A 41 5.15 -7.51 -4.18
C LYS A 41 6.52 -7.13 -3.62
N THR A 42 7.23 -6.24 -4.33
CA THR A 42 8.54 -5.80 -3.90
C THR A 42 8.44 -4.60 -2.97
N LYS A 43 9.18 -4.65 -1.86
CA LYS A 43 9.17 -3.57 -0.88
C LYS A 43 9.15 -2.20 -1.58
N GLU A 44 9.79 -2.13 -2.75
CA GLU A 44 9.85 -0.90 -3.51
C GLU A 44 8.46 -0.50 -4.01
N GLU A 45 7.69 -1.48 -4.48
CA GLU A 45 6.35 -1.23 -4.97
C GLU A 45 5.40 -0.87 -3.83
N CYS A 46 5.64 -1.45 -2.66
CA CYS A 46 4.82 -1.19 -1.49
C CYS A 46 4.93 0.27 -1.05
N GLU A 47 6.07 0.89 -1.37
CA GLU A 47 6.31 2.28 -1.00
C GLU A 47 5.66 3.22 -2.01
N LYS A 48 6.15 3.18 -3.25
CA LYS A 48 5.62 4.03 -4.30
C LYS A 48 4.10 3.98 -4.34
N HIS A 49 3.55 2.77 -4.30
CA HIS A 49 2.11 2.58 -4.32
C HIS A 49 1.45 3.32 -3.16
N TYR A 50 2.03 3.18 -1.97
CA TYR A 50 1.50 3.83 -0.78
C TYR A 50 1.37 5.34 -0.99
N MET A 51 2.50 5.97 -1.30
CA MET A 51 2.52 7.42 -1.53
C MET A 51 1.67 7.79 -2.74
N LYS A 52 1.40 6.80 -3.59
CA LYS A 52 0.60 7.03 -4.79
C LYS A 52 -0.83 7.37 -4.43
N TYR A 53 -1.51 6.44 -3.77
CA TYR A 53 -2.90 6.65 -3.36
C TYR A 53 -2.98 7.43 -2.06
N PHE A 54 -2.48 6.82 -0.98
CA PHE A 54 -2.49 7.46 0.32
C PHE A 54 -1.93 8.88 0.25
N SER A 55 -0.67 8.99 -0.18
CA SER A 55 -0.01 10.28 -0.29
C SER A 55 -0.28 10.90 -1.66
N GLY A 56 -1.52 10.83 -2.12
CA GLY A 56 -1.87 11.38 -3.40
C GLY A 56 -2.95 12.44 -3.30
N PRO A 57 -2.99 13.34 -4.30
CA PRO A 57 -3.98 14.43 -4.33
C PRO A 57 -5.39 13.92 -4.61
N SER A 58 -5.53 13.07 -5.61
CA SER A 58 -6.83 12.51 -5.97
C SER A 58 -6.75 10.99 -6.09
N SER A 59 -7.84 10.33 -5.71
CA SER A 59 -7.90 8.88 -5.77
C SER A 59 -7.15 8.34 -6.98
N GLY A 60 -5.99 7.74 -6.74
CA GLY A 60 -5.19 7.20 -7.83
C GLY A 60 -3.74 7.02 -7.44
N GLY A 1 -16.59 8.46 -6.93
CA GLY A 1 -17.75 7.76 -7.46
C GLY A 1 -17.81 6.32 -6.98
N SER A 2 -17.95 5.39 -7.93
CA SER A 2 -18.03 3.97 -7.59
C SER A 2 -16.81 3.22 -8.09
N SER A 3 -16.38 2.21 -7.33
CA SER A 3 -15.21 1.42 -7.69
C SER A 3 -15.62 -0.02 -8.01
N GLY A 4 -14.64 -0.83 -8.42
CA GLY A 4 -14.91 -2.21 -8.75
C GLY A 4 -14.25 -2.64 -10.03
N SER A 5 -14.36 -1.81 -11.06
CA SER A 5 -13.76 -2.11 -12.36
C SER A 5 -12.56 -1.22 -12.63
N SER A 6 -12.79 0.08 -12.68
CA SER A 6 -11.73 1.05 -12.93
C SER A 6 -11.01 1.41 -11.64
N GLY A 7 -9.93 0.70 -11.35
CA GLY A 7 -9.18 0.97 -10.13
C GLY A 7 -7.74 0.51 -10.25
N ASP A 8 -7.36 -0.47 -9.42
CA ASP A 8 -6.00 -1.00 -9.43
C ASP A 8 -5.96 -2.38 -10.07
N PRO A 9 -5.80 -2.40 -11.41
CA PRO A 9 -5.75 -3.65 -12.18
C PRO A 9 -4.46 -4.44 -11.92
N SER A 10 -3.63 -3.92 -11.01
CA SER A 10 -2.37 -4.56 -10.67
C SER A 10 -2.39 -5.07 -9.23
N TRP A 11 -2.90 -4.24 -8.32
CA TRP A 11 -2.97 -4.61 -6.92
C TRP A 11 -4.36 -5.15 -6.57
N THR A 12 -4.49 -5.67 -5.36
CA THR A 12 -5.76 -6.23 -4.90
C THR A 12 -6.18 -5.62 -3.57
N ALA A 13 -7.46 -5.74 -3.25
CA ALA A 13 -8.00 -5.20 -2.00
C ALA A 13 -7.18 -5.69 -0.80
N GLN A 14 -6.80 -6.96 -0.84
CA GLN A 14 -6.01 -7.55 0.24
C GLN A 14 -4.68 -6.83 0.40
N GLU A 15 -4.00 -6.60 -0.72
CA GLU A 15 -2.71 -5.92 -0.70
C GLU A 15 -2.84 -4.52 -0.14
N GLU A 16 -3.93 -3.84 -0.49
CA GLU A 16 -4.17 -2.48 -0.02
C GLU A 16 -4.30 -2.44 1.50
N MET A 17 -5.20 -3.27 2.03
CA MET A 17 -5.42 -3.34 3.46
C MET A 17 -4.15 -3.76 4.19
N ALA A 18 -3.50 -4.79 3.67
CA ALA A 18 -2.26 -5.30 4.27
C ALA A 18 -1.19 -4.21 4.32
N LEU A 19 -1.13 -3.39 3.28
CA LEU A 19 -0.16 -2.32 3.20
C LEU A 19 -0.33 -1.34 4.36
N LEU A 20 -1.58 -0.95 4.62
CA LEU A 20 -1.89 -0.01 5.70
C LEU A 20 -1.58 -0.64 7.05
N GLU A 21 -2.19 -1.79 7.32
CA GLU A 21 -1.98 -2.49 8.59
C GLU A 21 -0.49 -2.58 8.91
N ALA A 22 0.28 -3.07 7.96
CA ALA A 22 1.73 -3.22 8.15
C ALA A 22 2.37 -1.89 8.52
N VAL A 23 2.13 -0.87 7.70
CA VAL A 23 2.68 0.46 7.95
C VAL A 23 2.35 0.94 9.35
N MET A 24 1.10 0.76 9.75
CA MET A 24 0.65 1.17 11.08
C MET A 24 1.31 0.31 12.17
N ASP A 25 1.43 -0.98 11.89
CA ASP A 25 2.04 -1.90 12.85
C ASP A 25 3.51 -1.56 13.08
N CYS A 26 4.28 -1.53 12.00
CA CYS A 26 5.70 -1.21 12.09
C CYS A 26 5.94 0.29 12.01
N GLY A 27 5.58 0.88 10.87
CA GLY A 27 5.75 2.31 10.69
C GLY A 27 6.14 2.67 9.27
N PHE A 28 6.69 3.87 9.09
CA PHE A 28 7.10 4.34 7.77
C PHE A 28 8.60 4.12 7.56
N GLY A 29 8.99 3.89 6.31
CA GLY A 29 10.39 3.68 6.00
C GLY A 29 10.81 2.23 6.18
N ASN A 30 10.05 1.50 6.98
CA ASN A 30 10.35 0.09 7.24
C ASN A 30 9.83 -0.79 6.10
N TRP A 31 10.00 -0.33 4.87
CA TRP A 31 9.56 -1.08 3.70
C TRP A 31 9.85 -2.57 3.86
N GLN A 32 10.97 -2.87 4.52
CA GLN A 32 11.37 -4.26 4.74
C GLN A 32 10.35 -4.99 5.62
N ASP A 33 10.13 -4.46 6.82
CA ASP A 33 9.17 -5.06 7.75
C ASP A 33 7.80 -5.18 7.11
N VAL A 34 7.36 -4.10 6.46
CA VAL A 34 6.05 -4.08 5.82
C VAL A 34 5.94 -5.18 4.77
N ALA A 35 7.04 -5.41 4.05
CA ALA A 35 7.07 -6.43 3.00
C ALA A 35 6.58 -7.77 3.54
N ASN A 36 6.55 -7.89 4.86
CA ASN A 36 6.11 -9.13 5.50
C ASN A 36 4.75 -9.57 4.96
N GLN A 37 3.75 -8.73 5.13
CA GLN A 37 2.41 -9.03 4.66
C GLN A 37 2.23 -8.59 3.21
N MET A 38 3.12 -7.73 2.75
CA MET A 38 3.06 -7.22 1.38
C MET A 38 3.93 -8.07 0.46
N CYS A 39 4.61 -9.05 1.03
CA CYS A 39 5.49 -9.93 0.26
C CYS A 39 4.95 -10.14 -1.15
N THR A 40 3.63 -10.07 -1.29
CA THR A 40 2.98 -10.25 -2.59
C THR A 40 3.66 -9.40 -3.65
N LYS A 41 4.46 -8.43 -3.22
CA LYS A 41 5.17 -7.56 -4.15
C LYS A 41 6.53 -7.17 -3.59
N THR A 42 7.22 -6.28 -4.29
CA THR A 42 8.55 -5.84 -3.87
C THR A 42 8.44 -4.61 -2.95
N LYS A 43 9.18 -4.65 -1.85
CA LYS A 43 9.16 -3.54 -0.90
C LYS A 43 9.14 -2.20 -1.61
N GLU A 44 9.77 -2.15 -2.78
CA GLU A 44 9.82 -0.92 -3.57
C GLU A 44 8.42 -0.53 -4.05
N GLU A 45 7.66 -1.51 -4.51
CA GLU A 45 6.31 -1.28 -4.99
C GLU A 45 5.38 -0.89 -3.86
N CYS A 46 5.61 -1.47 -2.68
CA CYS A 46 4.78 -1.19 -1.51
C CYS A 46 4.92 0.27 -1.10
N GLU A 47 6.08 0.85 -1.35
CA GLU A 47 6.34 2.25 -0.99
C GLU A 47 5.60 3.19 -1.95
N LYS A 48 5.99 3.18 -3.21
CA LYS A 48 5.37 4.02 -4.22
C LYS A 48 3.86 3.91 -4.16
N HIS A 49 3.35 2.69 -4.31
CA HIS A 49 1.91 2.45 -4.27
C HIS A 49 1.27 3.20 -3.10
N TYR A 50 1.92 3.16 -1.95
CA TYR A 50 1.41 3.83 -0.77
C TYR A 50 1.38 5.34 -0.96
N MET A 51 2.55 5.92 -1.19
CA MET A 51 2.65 7.36 -1.39
C MET A 51 1.85 7.81 -2.62
N LYS A 52 1.51 6.84 -3.46
CA LYS A 52 0.74 7.12 -4.67
C LYS A 52 -0.64 7.66 -4.32
N TYR A 53 -1.45 6.83 -3.65
CA TYR A 53 -2.80 7.23 -3.26
C TYR A 53 -2.80 7.90 -1.89
N PHE A 54 -2.43 7.13 -0.87
CA PHE A 54 -2.40 7.64 0.49
C PHE A 54 -1.75 9.02 0.54
N SER A 55 -0.43 9.06 0.40
CA SER A 55 0.30 10.32 0.42
C SER A 55 -0.14 11.23 -0.72
N GLY A 56 -0.38 10.64 -1.88
CA GLY A 56 -0.82 11.40 -3.03
C GLY A 56 0.33 11.73 -3.97
N PRO A 57 0.14 12.78 -4.79
CA PRO A 57 1.16 13.21 -5.76
C PRO A 57 2.38 13.85 -5.08
N SER A 58 3.53 13.73 -5.72
CA SER A 58 4.76 14.29 -5.18
C SER A 58 4.57 15.75 -4.80
N SER A 59 4.12 16.55 -5.76
CA SER A 59 3.92 17.98 -5.54
C SER A 59 2.66 18.21 -4.69
N GLY A 60 2.83 18.91 -3.58
CA GLY A 60 1.70 19.19 -2.70
C GLY A 60 2.12 19.32 -1.25
N GLY A 1 -16.86 6.56 5.19
CA GLY A 1 -15.81 5.58 5.41
C GLY A 1 -14.95 5.38 4.18
N SER A 2 -15.27 4.34 3.41
CA SER A 2 -14.52 4.03 2.20
C SER A 2 -14.49 5.23 1.25
N SER A 3 -13.28 5.67 0.90
CA SER A 3 -13.12 6.80 0.01
C SER A 3 -11.82 6.69 -0.79
N GLY A 4 -11.95 6.46 -2.09
CA GLY A 4 -10.78 6.33 -2.94
C GLY A 4 -11.09 5.66 -4.27
N SER A 5 -10.33 4.63 -4.60
CA SER A 5 -10.52 3.90 -5.84
C SER A 5 -11.37 2.65 -5.62
N SER A 6 -11.93 2.12 -6.70
CA SER A 6 -12.76 0.93 -6.61
C SER A 6 -11.92 -0.33 -6.67
N GLY A 7 -10.99 -0.38 -7.62
CA GLY A 7 -10.12 -1.53 -7.76
C GLY A 7 -9.12 -1.37 -8.89
N ASP A 8 -7.84 -1.56 -8.57
CA ASP A 8 -6.78 -1.44 -9.56
C ASP A 8 -6.49 -2.78 -10.23
N PRO A 9 -6.28 -2.76 -11.55
CA PRO A 9 -6.00 -3.96 -12.34
C PRO A 9 -4.63 -4.54 -12.02
N SER A 10 -3.88 -3.86 -11.14
CA SER A 10 -2.55 -4.31 -10.76
C SER A 10 -2.55 -4.85 -9.33
N TRP A 11 -3.01 -4.02 -8.40
CA TRP A 11 -3.05 -4.40 -6.99
C TRP A 11 -4.43 -4.94 -6.62
N THR A 12 -4.54 -5.51 -5.43
CA THR A 12 -5.80 -6.07 -4.96
C THR A 12 -6.21 -5.44 -3.63
N ALA A 13 -7.46 -5.67 -3.23
CA ALA A 13 -7.98 -5.14 -1.98
C ALA A 13 -7.14 -5.60 -0.80
N GLN A 14 -6.75 -6.87 -0.83
CA GLN A 14 -5.94 -7.43 0.25
C GLN A 14 -4.62 -6.68 0.40
N GLU A 15 -3.97 -6.40 -0.72
CA GLU A 15 -2.70 -5.68 -0.71
C GLU A 15 -2.86 -4.29 -0.10
N GLU A 16 -3.94 -3.61 -0.48
CA GLU A 16 -4.20 -2.27 0.04
C GLU A 16 -4.30 -2.28 1.56
N MET A 17 -5.25 -3.07 2.08
CA MET A 17 -5.45 -3.17 3.51
C MET A 17 -4.19 -3.68 4.21
N ALA A 18 -3.54 -4.66 3.59
CA ALA A 18 -2.31 -5.23 4.15
C ALA A 18 -1.24 -4.18 4.31
N LEU A 19 -1.08 -3.33 3.29
CA LEU A 19 -0.08 -2.27 3.32
C LEU A 19 -0.27 -1.38 4.55
N LEU A 20 -1.48 -0.86 4.72
CA LEU A 20 -1.80 0.00 5.86
C LEU A 20 -1.48 -0.70 7.17
N GLU A 21 -2.12 -1.84 7.40
CA GLU A 21 -1.91 -2.61 8.63
C GLU A 21 -0.43 -2.64 8.99
N ALA A 22 0.40 -3.13 8.08
CA ALA A 22 1.82 -3.22 8.30
C ALA A 22 2.43 -1.83 8.53
N VAL A 23 2.07 -0.89 7.68
CA VAL A 23 2.58 0.48 7.79
C VAL A 23 2.20 1.10 9.13
N MET A 24 1.15 0.57 9.75
CA MET A 24 0.69 1.06 11.04
C MET A 24 1.26 0.22 12.19
N ASP A 25 1.49 -1.05 11.91
CA ASP A 25 2.04 -1.97 12.91
C ASP A 25 3.53 -1.74 13.10
N CYS A 26 4.21 -1.37 12.01
CA CYS A 26 5.65 -1.13 12.05
C CYS A 26 5.95 0.36 11.92
N GLY A 27 5.15 1.05 11.11
CA GLY A 27 5.35 2.47 10.92
C GLY A 27 5.58 2.85 9.47
N PHE A 28 6.02 4.07 9.23
CA PHE A 28 6.27 4.54 7.87
C PHE A 28 7.78 4.55 7.57
N GLY A 29 8.17 3.81 6.55
CA GLY A 29 9.58 3.76 6.17
C GLY A 29 10.15 2.35 6.29
N ASN A 30 9.53 1.53 7.14
CA ASN A 30 9.99 0.16 7.33
C ASN A 30 9.53 -0.74 6.19
N TRP A 31 9.73 -0.27 4.96
CA TRP A 31 9.34 -1.03 3.78
C TRP A 31 9.70 -2.49 3.94
N GLN A 32 10.85 -2.77 4.53
CA GLN A 32 11.30 -4.13 4.74
C GLN A 32 10.30 -4.92 5.57
N ASP A 33 10.15 -4.53 6.84
CA ASP A 33 9.23 -5.19 7.74
C ASP A 33 7.84 -5.30 7.11
N VAL A 34 7.41 -4.23 6.46
CA VAL A 34 6.10 -4.20 5.81
C VAL A 34 5.99 -5.27 4.74
N ALA A 35 7.09 -5.50 4.02
CA ALA A 35 7.11 -6.51 2.97
C ALA A 35 6.63 -7.85 3.48
N ASN A 36 6.61 -8.01 4.80
CA ASN A 36 6.16 -9.25 5.42
C ASN A 36 4.80 -9.66 4.88
N GLN A 37 3.80 -8.82 5.10
CA GLN A 37 2.44 -9.12 4.65
C GLN A 37 2.25 -8.63 3.20
N MET A 38 3.13 -7.76 2.75
CA MET A 38 3.06 -7.23 1.40
C MET A 38 3.92 -8.05 0.45
N CYS A 39 4.60 -9.06 0.99
CA CYS A 39 5.46 -9.92 0.17
C CYS A 39 4.88 -10.09 -1.23
N THR A 40 3.56 -10.01 -1.35
CA THR A 40 2.89 -10.16 -2.63
C THR A 40 3.56 -9.29 -3.69
N LYS A 41 4.38 -8.34 -3.25
CA LYS A 41 5.07 -7.44 -4.17
C LYS A 41 6.46 -7.08 -3.63
N THR A 42 7.14 -6.19 -4.32
CA THR A 42 8.48 -5.76 -3.91
C THR A 42 8.40 -4.57 -2.96
N LYS A 43 9.17 -4.64 -1.88
CA LYS A 43 9.19 -3.57 -0.89
C LYS A 43 9.19 -2.20 -1.56
N GLU A 44 9.78 -2.14 -2.75
CA GLU A 44 9.85 -0.89 -3.50
C GLU A 44 8.47 -0.47 -3.98
N GLU A 45 7.69 -1.44 -4.44
CA GLU A 45 6.34 -1.17 -4.93
C GLU A 45 5.40 -0.83 -3.78
N CYS A 46 5.66 -1.42 -2.62
CA CYS A 46 4.84 -1.18 -1.43
C CYS A 46 4.91 0.28 -1.01
N GLU A 47 6.02 0.92 -1.32
CA GLU A 47 6.23 2.33 -0.97
C GLU A 47 5.53 3.24 -1.96
N LYS A 48 5.98 3.22 -3.21
CA LYS A 48 5.39 4.05 -4.25
C LYS A 48 3.87 3.92 -4.27
N HIS A 49 3.40 2.67 -4.28
CA HIS A 49 1.96 2.40 -4.30
C HIS A 49 1.26 3.14 -3.16
N TYR A 50 1.87 3.10 -1.98
CA TYR A 50 1.30 3.77 -0.81
C TYR A 50 1.24 5.28 -1.01
N MET A 51 2.41 5.89 -1.19
CA MET A 51 2.51 7.32 -1.40
C MET A 51 1.73 7.75 -2.64
N LYS A 52 1.52 6.80 -3.54
CA LYS A 52 0.78 7.07 -4.77
C LYS A 52 -0.65 7.50 -4.48
N TYR A 53 -1.42 6.61 -3.87
CA TYR A 53 -2.80 6.89 -3.53
C TYR A 53 -2.90 7.65 -2.21
N PHE A 54 -2.50 6.99 -1.12
CA PHE A 54 -2.53 7.61 0.20
C PHE A 54 -1.90 8.99 0.18
N SER A 55 -0.65 9.06 -0.27
CA SER A 55 0.07 10.33 -0.34
C SER A 55 -0.07 10.95 -1.72
N GLY A 56 -1.27 10.89 -2.29
CA GLY A 56 -1.51 11.46 -3.60
C GLY A 56 -2.97 11.69 -3.87
N PRO A 57 -3.28 12.33 -5.01
CA PRO A 57 -4.65 12.63 -5.42
C PRO A 57 -5.43 11.38 -5.81
N SER A 58 -6.12 10.79 -4.84
CA SER A 58 -6.89 9.58 -5.09
C SER A 58 -8.37 9.91 -5.26
N SER A 59 -8.88 10.78 -4.39
CA SER A 59 -10.28 11.18 -4.44
C SER A 59 -10.68 11.59 -5.86
N GLY A 60 -11.65 10.88 -6.42
CA GLY A 60 -12.10 11.18 -7.77
C GLY A 60 -12.28 9.94 -8.61
N GLY A 1 -21.67 -6.52 -14.25
CA GLY A 1 -20.24 -6.76 -14.11
C GLY A 1 -19.70 -6.24 -12.79
N SER A 2 -18.80 -5.26 -12.86
CA SER A 2 -18.20 -4.68 -11.66
C SER A 2 -18.18 -3.16 -11.75
N SER A 3 -18.86 -2.51 -10.82
CA SER A 3 -18.93 -1.05 -10.79
C SER A 3 -17.54 -0.45 -10.90
N GLY A 4 -17.46 0.80 -11.35
CA GLY A 4 -16.19 1.47 -11.49
C GLY A 4 -15.91 2.45 -10.37
N SER A 5 -15.71 1.91 -9.17
CA SER A 5 -15.44 2.74 -8.00
C SER A 5 -14.01 2.51 -7.49
N SER A 6 -13.66 1.25 -7.28
CA SER A 6 -12.33 0.90 -6.80
C SER A 6 -11.97 -0.53 -7.19
N GLY A 7 -10.69 -0.75 -7.49
CA GLY A 7 -10.23 -2.06 -7.87
C GLY A 7 -9.09 -2.01 -8.86
N ASP A 8 -7.86 -2.05 -8.35
CA ASP A 8 -6.67 -2.01 -9.20
C ASP A 8 -6.40 -3.36 -9.82
N PRO A 9 -5.96 -3.35 -11.09
CA PRO A 9 -5.66 -4.57 -11.84
C PRO A 9 -4.42 -5.29 -11.31
N SER A 10 -3.34 -4.53 -11.13
CA SER A 10 -2.09 -5.10 -10.63
C SER A 10 -2.22 -5.50 -9.17
N TRP A 11 -2.64 -4.54 -8.33
CA TRP A 11 -2.81 -4.79 -6.90
C TRP A 11 -4.20 -5.33 -6.60
N THR A 12 -4.39 -5.83 -5.38
CA THR A 12 -5.68 -6.37 -4.97
C THR A 12 -6.16 -5.74 -3.68
N ALA A 13 -7.47 -5.77 -3.46
CA ALA A 13 -8.05 -5.20 -2.24
C ALA A 13 -7.33 -5.71 -1.00
N GLN A 14 -7.00 -6.99 -1.00
CA GLN A 14 -6.31 -7.61 0.13
C GLN A 14 -4.97 -6.94 0.39
N GLU A 15 -4.16 -6.83 -0.67
CA GLU A 15 -2.85 -6.20 -0.55
C GLU A 15 -2.97 -4.79 0.01
N GLU A 16 -3.97 -4.05 -0.47
CA GLU A 16 -4.19 -2.68 -0.03
C GLU A 16 -4.31 -2.62 1.49
N MET A 17 -5.29 -3.34 2.03
CA MET A 17 -5.51 -3.36 3.47
C MET A 17 -4.26 -3.79 4.21
N ALA A 18 -3.57 -4.79 3.67
CA ALA A 18 -2.34 -5.30 4.28
C ALA A 18 -1.28 -4.21 4.37
N LEU A 19 -1.20 -3.38 3.34
CA LEU A 19 -0.23 -2.29 3.31
C LEU A 19 -0.47 -1.31 4.46
N LEU A 20 -1.70 -0.85 4.59
CA LEU A 20 -2.07 0.08 5.65
C LEU A 20 -1.72 -0.49 7.01
N GLU A 21 -2.31 -1.65 7.33
CA GLU A 21 -2.06 -2.31 8.61
C GLU A 21 -0.56 -2.51 8.84
N ALA A 22 0.12 -3.07 7.84
CA ALA A 22 1.55 -3.32 7.93
C ALA A 22 2.30 -2.06 8.33
N VAL A 23 2.08 -0.98 7.58
CA VAL A 23 2.74 0.29 7.86
C VAL A 23 2.45 0.76 9.28
N MET A 24 1.18 0.83 9.62
CA MET A 24 0.76 1.27 10.96
C MET A 24 1.38 0.38 12.03
N ASP A 25 1.47 -0.91 11.74
CA ASP A 25 2.04 -1.87 12.68
C ASP A 25 3.53 -1.62 12.88
N CYS A 26 4.28 -1.60 11.77
CA CYS A 26 5.72 -1.37 11.83
C CYS A 26 6.03 0.13 11.81
N GLY A 27 5.72 0.77 10.68
CA GLY A 27 5.98 2.19 10.55
C GLY A 27 6.40 2.57 9.15
N PHE A 28 6.48 3.88 8.88
CA PHE A 28 6.87 4.37 7.57
C PHE A 28 8.38 4.26 7.37
N GLY A 29 8.80 4.02 6.13
CA GLY A 29 10.22 3.90 5.84
C GLY A 29 10.72 2.48 6.00
N ASN A 30 10.04 1.71 6.84
CA ASN A 30 10.43 0.32 7.09
C ASN A 30 9.89 -0.59 5.99
N TRP A 31 9.99 -0.14 4.75
CA TRP A 31 9.53 -0.91 3.61
C TRP A 31 9.85 -2.38 3.79
N GLN A 32 10.96 -2.67 4.45
CA GLN A 32 11.39 -4.04 4.70
C GLN A 32 10.38 -4.78 5.55
N ASP A 33 10.19 -4.31 6.78
CA ASP A 33 9.24 -4.93 7.71
C ASP A 33 7.86 -5.04 7.07
N VAL A 34 7.45 -3.97 6.38
CA VAL A 34 6.14 -3.95 5.72
C VAL A 34 6.03 -5.06 4.68
N ALA A 35 7.13 -5.35 4.01
CA ALA A 35 7.15 -6.40 3.00
C ALA A 35 6.65 -7.73 3.56
N ASN A 36 6.63 -7.83 4.89
CA ASN A 36 6.17 -9.04 5.55
C ASN A 36 4.82 -9.49 5.01
N GLN A 37 3.81 -8.63 5.19
CA GLN A 37 2.46 -8.93 4.73
C GLN A 37 2.28 -8.50 3.27
N MET A 38 3.18 -7.64 2.80
CA MET A 38 3.12 -7.15 1.43
C MET A 38 3.97 -8.01 0.50
N CYS A 39 4.65 -9.01 1.07
CA CYS A 39 5.49 -9.90 0.30
C CYS A 39 4.92 -10.12 -1.10
N THR A 40 3.60 -10.03 -1.21
CA THR A 40 2.94 -10.22 -2.49
C THR A 40 3.61 -9.40 -3.58
N LYS A 41 4.43 -8.43 -3.17
CA LYS A 41 5.13 -7.58 -4.12
C LYS A 41 6.51 -7.19 -3.58
N THR A 42 7.20 -6.32 -4.31
CA THR A 42 8.52 -5.86 -3.91
C THR A 42 8.43 -4.66 -2.98
N LYS A 43 9.19 -4.69 -1.89
CA LYS A 43 9.20 -3.60 -0.92
C LYS A 43 9.19 -2.25 -1.63
N GLU A 44 9.81 -2.19 -2.80
CA GLU A 44 9.88 -0.96 -3.57
C GLU A 44 8.49 -0.57 -4.09
N GLU A 45 7.72 -1.57 -4.53
CA GLU A 45 6.39 -1.34 -5.05
C GLU A 45 5.42 -0.99 -3.93
N CYS A 46 5.67 -1.55 -2.74
CA CYS A 46 4.82 -1.31 -1.59
C CYS A 46 4.87 0.16 -1.17
N GLU A 47 6.02 0.79 -1.39
CA GLU A 47 6.20 2.19 -1.05
C GLU A 47 5.41 3.09 -1.99
N LYS A 48 5.80 3.12 -3.25
CA LYS A 48 5.14 3.94 -4.25
C LYS A 48 3.63 3.83 -4.12
N HIS A 49 3.13 2.60 -4.05
CA HIS A 49 1.70 2.35 -3.92
C HIS A 49 1.12 3.14 -2.74
N TYR A 50 1.90 3.26 -1.67
CA TYR A 50 1.45 3.98 -0.49
C TYR A 50 1.55 5.48 -0.70
N MET A 51 2.75 5.95 -1.01
CA MET A 51 2.98 7.38 -1.24
C MET A 51 2.25 7.84 -2.50
N LYS A 52 1.77 6.89 -3.29
CA LYS A 52 1.05 7.20 -4.52
C LYS A 52 -0.38 7.64 -4.22
N TYR A 53 -1.10 6.82 -3.46
CA TYR A 53 -2.48 7.12 -3.10
C TYR A 53 -2.57 7.60 -1.66
N PHE A 54 -2.24 6.72 -0.71
CA PHE A 54 -2.29 7.06 0.71
C PHE A 54 -1.56 8.36 0.97
N SER A 55 -0.22 8.32 0.87
CA SER A 55 0.60 9.49 1.11
C SER A 55 0.97 10.18 -0.20
N GLY A 56 -0.04 10.40 -1.05
CA GLY A 56 0.20 11.04 -2.33
C GLY A 56 -0.94 11.94 -2.74
N PRO A 57 -0.61 13.17 -3.18
CA PRO A 57 -1.61 14.15 -3.61
C PRO A 57 -2.27 13.76 -4.94
N SER A 58 -3.33 12.97 -4.84
CA SER A 58 -4.05 12.52 -6.03
C SER A 58 -4.41 13.70 -6.93
N SER A 59 -4.97 14.75 -6.32
CA SER A 59 -5.36 15.94 -7.07
C SER A 59 -4.21 16.94 -7.13
N GLY A 60 -4.37 17.96 -7.97
CA GLY A 60 -3.34 18.97 -8.11
C GLY A 60 -3.82 20.18 -8.89
N GLY A 1 -20.06 7.39 4.35
CA GLY A 1 -19.99 8.14 3.10
C GLY A 1 -19.65 7.26 1.91
N SER A 2 -18.92 7.82 0.95
CA SER A 2 -18.55 7.07 -0.25
C SER A 2 -17.88 5.75 0.12
N SER A 3 -17.61 4.93 -0.89
CA SER A 3 -16.98 3.63 -0.67
C SER A 3 -16.23 3.17 -1.92
N GLY A 4 -15.50 2.07 -1.79
CA GLY A 4 -14.74 1.55 -2.93
C GLY A 4 -14.69 0.04 -2.93
N SER A 5 -15.82 -0.61 -3.22
CA SER A 5 -15.89 -2.05 -3.26
C SER A 5 -14.73 -2.64 -4.06
N SER A 6 -14.52 -2.10 -5.26
CA SER A 6 -13.45 -2.57 -6.13
C SER A 6 -12.12 -1.94 -5.74
N GLY A 7 -11.07 -2.74 -5.75
CA GLY A 7 -9.74 -2.25 -5.39
C GLY A 7 -9.10 -1.45 -6.52
N ASP A 8 -7.82 -1.67 -6.74
CA ASP A 8 -7.09 -0.96 -7.79
C ASP A 8 -6.84 -1.87 -8.99
N PRO A 9 -6.70 -1.26 -10.18
CA PRO A 9 -6.47 -2.00 -11.42
C PRO A 9 -5.08 -2.62 -11.47
N SER A 10 -4.19 -2.14 -10.61
CA SER A 10 -2.82 -2.65 -10.55
C SER A 10 -2.58 -3.41 -9.25
N TRP A 11 -3.36 -3.10 -8.23
CA TRP A 11 -3.23 -3.75 -6.93
C TRP A 11 -4.53 -4.44 -6.53
N THR A 12 -4.54 -5.05 -5.35
CA THR A 12 -5.72 -5.73 -4.86
C THR A 12 -6.06 -5.30 -3.44
N ALA A 13 -7.35 -5.33 -3.10
CA ALA A 13 -7.80 -4.94 -1.78
C ALA A 13 -6.91 -5.53 -0.68
N GLN A 14 -6.56 -6.81 -0.86
CA GLN A 14 -5.72 -7.49 0.11
C GLN A 14 -4.42 -6.73 0.33
N GLU A 15 -3.75 -6.37 -0.76
CA GLU A 15 -2.49 -5.64 -0.69
C GLU A 15 -2.69 -4.26 -0.06
N GLU A 16 -3.77 -3.59 -0.46
CA GLU A 16 -4.08 -2.27 0.06
C GLU A 16 -4.27 -2.31 1.58
N MET A 17 -5.13 -3.21 2.04
CA MET A 17 -5.40 -3.35 3.46
C MET A 17 -4.15 -3.79 4.21
N ALA A 18 -3.48 -4.80 3.68
CA ALA A 18 -2.26 -5.31 4.30
C ALA A 18 -1.20 -4.22 4.42
N LEU A 19 -1.10 -3.39 3.39
CA LEU A 19 -0.13 -2.30 3.38
C LEU A 19 -0.37 -1.35 4.54
N LEU A 20 -1.62 -0.93 4.71
CA LEU A 20 -1.99 -0.02 5.79
C LEU A 20 -1.69 -0.64 7.15
N GLU A 21 -2.16 -1.87 7.35
CA GLU A 21 -1.95 -2.57 8.61
C GLU A 21 -0.47 -2.70 8.93
N ALA A 22 0.31 -3.12 7.93
CA ALA A 22 1.74 -3.28 8.09
C ALA A 22 2.40 -1.97 8.49
N VAL A 23 2.11 -0.92 7.74
CA VAL A 23 2.67 0.41 8.01
C VAL A 23 2.33 0.86 9.42
N MET A 24 1.08 0.65 9.82
CA MET A 24 0.62 1.04 11.14
C MET A 24 1.24 0.16 12.22
N ASP A 25 1.39 -1.12 11.92
CA ASP A 25 1.97 -2.08 12.85
C ASP A 25 3.46 -1.77 13.09
N CYS A 26 4.22 -1.74 12.01
CA CYS A 26 5.65 -1.46 12.10
C CYS A 26 5.92 0.04 12.04
N GLY A 27 5.60 0.65 10.90
CA GLY A 27 5.81 2.08 10.75
C GLY A 27 6.21 2.45 9.34
N PHE A 28 6.54 3.72 9.13
CA PHE A 28 6.94 4.20 7.81
C PHE A 28 8.44 4.00 7.60
N GLY A 29 8.83 3.84 6.33
CA GLY A 29 10.23 3.64 6.00
C GLY A 29 10.67 2.20 6.20
N ASN A 30 9.92 1.46 7.00
CA ASN A 30 10.23 0.07 7.27
C ASN A 30 9.74 -0.83 6.14
N TRP A 31 9.91 -0.38 4.91
CA TRP A 31 9.48 -1.14 3.73
C TRP A 31 9.79 -2.62 3.91
N GLN A 32 10.93 -2.92 4.51
CA GLN A 32 11.34 -4.30 4.73
C GLN A 32 10.34 -5.03 5.61
N ASP A 33 10.14 -4.52 6.83
CA ASP A 33 9.20 -5.12 7.77
C ASP A 33 7.80 -5.22 7.16
N VAL A 34 7.37 -4.15 6.51
CA VAL A 34 6.06 -4.11 5.87
C VAL A 34 5.94 -5.19 4.81
N ALA A 35 7.01 -5.40 4.06
CA ALA A 35 7.03 -6.41 3.00
C ALA A 35 6.53 -7.75 3.52
N ASN A 36 6.53 -7.90 4.84
CA ASN A 36 6.09 -9.14 5.47
C ASN A 36 4.72 -9.57 4.93
N GLN A 37 3.71 -8.72 5.14
CA GLN A 37 2.36 -9.00 4.68
C GLN A 37 2.17 -8.55 3.25
N MET A 38 3.05 -7.66 2.78
CA MET A 38 2.98 -7.15 1.41
C MET A 38 3.82 -8.00 0.48
N CYS A 39 4.50 -9.01 1.03
CA CYS A 39 5.34 -9.90 0.23
C CYS A 39 4.77 -10.07 -1.17
N THR A 40 3.45 -9.97 -1.28
CA THR A 40 2.78 -10.12 -2.57
C THR A 40 3.46 -9.28 -3.64
N LYS A 41 4.30 -8.33 -3.21
CA LYS A 41 5.01 -7.47 -4.14
C LYS A 41 6.39 -7.11 -3.59
N THR A 42 7.10 -6.24 -4.30
CA THR A 42 8.43 -5.81 -3.88
C THR A 42 8.35 -4.60 -2.96
N LYS A 43 9.10 -4.65 -1.87
CA LYS A 43 9.12 -3.55 -0.91
C LYS A 43 9.11 -2.20 -1.62
N GLU A 44 9.73 -2.15 -2.79
CA GLU A 44 9.79 -0.93 -3.58
C GLU A 44 8.41 -0.50 -4.03
N GLU A 45 7.61 -1.47 -4.50
CA GLU A 45 6.27 -1.19 -4.98
C GLU A 45 5.36 -0.78 -3.82
N CYS A 46 5.60 -1.38 -2.65
CA CYS A 46 4.80 -1.07 -1.47
C CYS A 46 4.88 0.42 -1.12
N GLU A 47 6.06 1.00 -1.34
CA GLU A 47 6.27 2.41 -1.04
C GLU A 47 5.53 3.29 -2.04
N LYS A 48 5.95 3.23 -3.31
CA LYS A 48 5.33 4.02 -4.36
C LYS A 48 3.81 3.89 -4.31
N HIS A 49 3.32 2.66 -4.36
CA HIS A 49 1.88 2.40 -4.33
C HIS A 49 1.23 3.14 -3.16
N TYR A 50 1.88 3.12 -2.01
CA TYR A 50 1.37 3.78 -0.81
C TYR A 50 1.33 5.30 -1.02
N MET A 51 2.49 5.88 -1.32
CA MET A 51 2.59 7.32 -1.53
C MET A 51 1.88 7.72 -2.82
N LYS A 52 1.43 6.74 -3.58
CA LYS A 52 0.73 6.99 -4.84
C LYS A 52 -0.71 7.40 -4.58
N TYR A 53 -1.40 6.65 -3.73
CA TYR A 53 -2.79 6.93 -3.39
C TYR A 53 -2.90 7.60 -2.04
N PHE A 54 -2.53 6.88 -0.99
CA PHE A 54 -2.58 7.41 0.37
C PHE A 54 -1.99 8.82 0.43
N SER A 55 -0.68 8.91 0.17
CA SER A 55 0.01 10.19 0.20
C SER A 55 -0.43 11.07 -0.96
N GLY A 56 -0.78 10.44 -2.08
CA GLY A 56 -1.21 11.18 -3.25
C GLY A 56 -2.30 12.18 -2.94
N PRO A 57 -2.33 13.28 -3.69
CA PRO A 57 -3.32 14.35 -3.51
C PRO A 57 -4.73 13.92 -3.91
N SER A 58 -5.69 14.14 -3.01
CA SER A 58 -7.08 13.76 -3.29
C SER A 58 -8.03 14.87 -2.85
N SER A 59 -9.17 14.96 -3.52
CA SER A 59 -10.17 15.98 -3.22
C SER A 59 -10.86 15.66 -1.89
N GLY A 60 -11.28 14.41 -1.74
CA GLY A 60 -11.96 14.01 -0.52
C GLY A 60 -11.90 12.50 -0.30
N GLY A 1 -10.15 1.36 -4.46
CA GLY A 1 -10.95 0.67 -5.45
C GLY A 1 -12.31 0.27 -4.92
N SER A 2 -13.15 1.27 -4.67
CA SER A 2 -14.50 1.02 -4.16
C SER A 2 -15.54 1.16 -5.27
N SER A 3 -16.80 0.92 -4.92
CA SER A 3 -17.89 1.01 -5.88
C SER A 3 -17.85 2.34 -6.62
N GLY A 4 -17.32 2.33 -7.84
CA GLY A 4 -17.23 3.54 -8.62
C GLY A 4 -16.41 3.35 -9.89
N SER A 5 -16.61 2.21 -10.55
CA SER A 5 -15.88 1.92 -11.78
C SER A 5 -14.40 2.28 -11.64
N SER A 6 -13.82 1.95 -10.50
CA SER A 6 -12.42 2.25 -10.24
C SER A 6 -11.78 1.15 -9.40
N GLY A 7 -10.46 0.98 -9.55
CA GLY A 7 -9.75 -0.05 -8.81
C GLY A 7 -8.38 -0.32 -9.37
N ASP A 8 -7.60 -1.12 -8.65
CA ASP A 8 -6.25 -1.47 -9.09
C ASP A 8 -6.24 -2.81 -9.82
N PRO A 9 -5.71 -2.80 -11.05
CA PRO A 9 -5.63 -4.01 -11.89
C PRO A 9 -4.62 -5.01 -11.35
N SER A 10 -3.41 -4.54 -11.07
CA SER A 10 -2.35 -5.40 -10.55
C SER A 10 -2.54 -5.66 -9.06
N TRP A 11 -2.74 -4.59 -8.31
CA TRP A 11 -2.94 -4.69 -6.86
C TRP A 11 -4.36 -5.12 -6.54
N THR A 12 -4.56 -5.66 -5.33
CA THR A 12 -5.88 -6.11 -4.90
C THR A 12 -6.24 -5.51 -3.55
N ALA A 13 -7.53 -5.57 -3.23
CA ALA A 13 -8.02 -5.03 -1.96
C ALA A 13 -7.18 -5.53 -0.79
N GLN A 14 -6.79 -6.80 -0.85
CA GLN A 14 -5.99 -7.41 0.21
C GLN A 14 -4.65 -6.69 0.35
N GLU A 15 -3.94 -6.53 -0.76
CA GLU A 15 -2.65 -5.86 -0.77
C GLU A 15 -2.76 -4.47 -0.16
N GLU A 16 -3.82 -3.75 -0.51
CA GLU A 16 -4.04 -2.41 0.01
C GLU A 16 -4.07 -2.40 1.53
N MET A 17 -5.00 -3.16 2.10
CA MET A 17 -5.13 -3.24 3.55
C MET A 17 -3.84 -3.76 4.19
N ALA A 18 -3.33 -4.86 3.66
CA ALA A 18 -2.10 -5.46 4.17
C ALA A 18 -0.98 -4.43 4.25
N LEU A 19 -1.07 -3.40 3.41
CA LEU A 19 -0.06 -2.34 3.39
C LEU A 19 -0.28 -1.36 4.54
N LEU A 20 -1.52 -0.92 4.72
CA LEU A 20 -1.86 0.01 5.78
C LEU A 20 -1.56 -0.59 7.15
N GLU A 21 -2.19 -1.73 7.44
CA GLU A 21 -2.00 -2.41 8.71
C GLU A 21 -0.51 -2.58 9.02
N ALA A 22 0.24 -3.09 8.04
CA ALA A 22 1.67 -3.30 8.20
C ALA A 22 2.40 -1.97 8.41
N VAL A 23 2.04 -0.97 7.59
CA VAL A 23 2.66 0.34 7.68
C VAL A 23 2.42 0.98 9.04
N MET A 24 1.29 0.62 9.65
CA MET A 24 0.93 1.16 10.96
C MET A 24 1.35 0.21 12.08
N ASP A 25 1.52 -1.07 11.73
CA ASP A 25 1.92 -2.08 12.69
C ASP A 25 3.41 -1.99 12.99
N CYS A 26 4.18 -1.54 12.00
CA CYS A 26 5.63 -1.42 12.15
C CYS A 26 6.04 0.05 12.16
N GLY A 27 5.81 0.74 11.05
CA GLY A 27 6.16 2.14 10.95
C GLY A 27 6.61 2.53 9.56
N PHE A 28 6.47 3.81 9.24
CA PHE A 28 6.86 4.31 7.92
C PHE A 28 8.37 4.15 7.71
N GLY A 29 8.77 3.94 6.45
CA GLY A 29 10.17 3.78 6.13
C GLY A 29 10.63 2.34 6.28
N ASN A 30 9.92 1.58 7.11
CA ASN A 30 10.27 0.17 7.34
C ASN A 30 9.75 -0.71 6.21
N TRP A 31 9.93 -0.24 4.98
CA TRP A 31 9.48 -0.99 3.81
C TRP A 31 9.80 -2.47 3.95
N GLN A 32 10.91 -2.77 4.62
CA GLN A 32 11.32 -4.16 4.83
C GLN A 32 10.28 -4.91 5.66
N ASP A 33 10.04 -4.43 6.87
CA ASP A 33 9.08 -5.06 7.77
C ASP A 33 7.70 -5.17 7.10
N VAL A 34 7.27 -4.08 6.48
CA VAL A 34 5.98 -4.05 5.80
C VAL A 34 5.90 -5.15 4.74
N ALA A 35 7.00 -5.39 4.05
CA ALA A 35 7.04 -6.41 3.01
C ALA A 35 6.54 -7.75 3.54
N ASN A 36 6.50 -7.88 4.86
CA ASN A 36 6.04 -9.11 5.49
C ASN A 36 4.69 -9.54 4.93
N GLN A 37 3.68 -8.70 5.12
CA GLN A 37 2.34 -8.98 4.63
C GLN A 37 2.18 -8.53 3.18
N MET A 38 3.07 -7.66 2.74
CA MET A 38 3.03 -7.15 1.37
C MET A 38 3.88 -8.00 0.45
N CYS A 39 4.55 -9.00 1.02
CA CYS A 39 5.40 -9.89 0.24
C CYS A 39 4.86 -10.08 -1.17
N THR A 40 3.54 -9.99 -1.31
CA THR A 40 2.89 -10.15 -2.60
C THR A 40 3.58 -9.31 -3.67
N LYS A 41 4.40 -8.36 -3.23
CA LYS A 41 5.12 -7.49 -4.15
C LYS A 41 6.49 -7.12 -3.59
N THR A 42 7.20 -6.25 -4.30
CA THR A 42 8.52 -5.81 -3.87
C THR A 42 8.43 -4.61 -2.94
N LYS A 43 9.17 -4.66 -1.84
CA LYS A 43 9.18 -3.57 -0.87
C LYS A 43 9.17 -2.22 -1.57
N GLU A 44 9.78 -2.16 -2.76
CA GLU A 44 9.83 -0.93 -3.53
C GLU A 44 8.44 -0.52 -3.99
N GLU A 45 7.67 -1.50 -4.47
CA GLU A 45 6.32 -1.23 -4.95
C GLU A 45 5.40 -0.85 -3.80
N CYS A 46 5.63 -1.45 -2.64
CA CYS A 46 4.82 -1.17 -1.46
C CYS A 46 4.90 0.30 -1.08
N GLU A 47 6.06 0.91 -1.31
CA GLU A 47 6.27 2.31 -0.99
C GLU A 47 5.51 3.22 -1.96
N LYS A 48 5.89 3.16 -3.23
CA LYS A 48 5.25 3.97 -4.26
C LYS A 48 3.73 3.84 -4.17
N HIS A 49 3.23 2.61 -4.26
CA HIS A 49 1.80 2.35 -4.19
C HIS A 49 1.16 3.12 -3.05
N TYR A 50 1.81 3.13 -1.89
CA TYR A 50 1.30 3.83 -0.72
C TYR A 50 1.30 5.33 -0.96
N MET A 51 2.48 5.89 -1.20
CA MET A 51 2.62 7.32 -1.45
C MET A 51 1.90 7.73 -2.73
N LYS A 52 1.46 6.74 -3.50
CA LYS A 52 0.76 6.99 -4.75
C LYS A 52 -0.66 7.50 -4.49
N TYR A 53 -1.42 6.74 -3.71
CA TYR A 53 -2.79 7.12 -3.38
C TYR A 53 -2.84 7.82 -2.03
N PHE A 54 -2.51 7.09 -0.97
CA PHE A 54 -2.54 7.65 0.37
C PHE A 54 -1.94 9.05 0.39
N SER A 55 -0.63 9.14 0.20
CA SER A 55 0.07 10.42 0.20
C SER A 55 -0.41 11.29 -0.96
N GLY A 56 -0.70 10.66 -2.09
CA GLY A 56 -1.16 11.40 -3.26
C GLY A 56 -2.51 12.05 -3.03
N PRO A 57 -3.24 12.31 -4.13
CA PRO A 57 -4.56 12.94 -4.07
C PRO A 57 -5.62 12.03 -3.47
N SER A 58 -6.16 12.43 -2.32
CA SER A 58 -7.18 11.64 -1.64
C SER A 58 -8.56 11.94 -2.20
N SER A 59 -8.90 13.23 -2.27
CA SER A 59 -10.20 13.65 -2.78
C SER A 59 -11.33 12.94 -2.05
N GLY A 60 -11.20 12.81 -0.73
CA GLY A 60 -12.21 12.14 0.06
C GLY A 60 -12.28 12.68 1.49
N GLY A 1 -17.40 4.66 -14.93
CA GLY A 1 -17.84 3.62 -14.02
C GLY A 1 -17.11 3.67 -12.70
N SER A 2 -17.81 3.27 -11.63
CA SER A 2 -17.23 3.28 -10.29
C SER A 2 -17.20 1.87 -9.71
N SER A 3 -18.32 1.17 -9.80
CA SER A 3 -18.42 -0.20 -9.28
C SER A 3 -17.71 -1.17 -10.20
N GLY A 4 -16.95 -2.10 -9.60
CA GLY A 4 -16.24 -3.09 -10.39
C GLY A 4 -14.74 -2.83 -10.41
N SER A 5 -14.12 -3.13 -11.55
CA SER A 5 -12.68 -2.93 -11.70
C SER A 5 -12.38 -1.50 -12.12
N SER A 6 -11.88 -0.70 -11.18
CA SER A 6 -11.55 0.70 -11.46
C SER A 6 -10.45 1.19 -10.51
N GLY A 7 -9.42 1.79 -11.09
CA GLY A 7 -8.32 2.30 -10.30
C GLY A 7 -7.04 1.52 -10.51
N ASP A 8 -6.64 0.74 -9.50
CA ASP A 8 -5.43 -0.07 -9.58
C ASP A 8 -5.78 -1.55 -9.72
N PRO A 9 -6.05 -1.97 -10.97
CA PRO A 9 -6.40 -3.37 -11.27
C PRO A 9 -5.20 -4.30 -11.11
N SER A 10 -4.01 -3.74 -11.11
CA SER A 10 -2.79 -4.53 -10.96
C SER A 10 -2.67 -5.10 -9.56
N TRP A 11 -2.93 -4.26 -8.56
CA TRP A 11 -2.86 -4.67 -7.16
C TRP A 11 -4.13 -5.39 -6.74
N THR A 12 -4.17 -5.84 -5.49
CA THR A 12 -5.34 -6.53 -4.97
C THR A 12 -5.84 -5.89 -3.68
N ALA A 13 -7.15 -5.90 -3.49
CA ALA A 13 -7.76 -5.31 -2.30
C ALA A 13 -7.00 -5.72 -1.05
N GLN A 14 -6.61 -7.00 -0.98
CA GLN A 14 -5.88 -7.51 0.18
C GLN A 14 -4.58 -6.74 0.38
N GLU A 15 -3.90 -6.43 -0.71
CA GLU A 15 -2.63 -5.70 -0.64
C GLU A 15 -2.85 -4.31 -0.04
N GLU A 16 -3.91 -3.65 -0.46
CA GLU A 16 -4.23 -2.32 0.03
C GLU A 16 -4.36 -2.31 1.55
N MET A 17 -5.29 -3.11 2.06
CA MET A 17 -5.52 -3.20 3.50
C MET A 17 -4.26 -3.67 4.22
N ALA A 18 -3.59 -4.66 3.64
CA ALA A 18 -2.37 -5.21 4.22
C ALA A 18 -1.30 -4.12 4.35
N LEU A 19 -1.20 -3.27 3.34
CA LEU A 19 -0.22 -2.19 3.34
C LEU A 19 -0.39 -1.29 4.55
N LEU A 20 -1.63 -0.85 4.78
CA LEU A 20 -1.93 0.01 5.92
C LEU A 20 -1.58 -0.67 7.24
N GLU A 21 -2.19 -1.83 7.48
CA GLU A 21 -1.94 -2.59 8.70
C GLU A 21 -0.45 -2.65 9.01
N ALA A 22 0.33 -3.10 8.03
CA ALA A 22 1.77 -3.21 8.18
C ALA A 22 2.41 -1.84 8.39
N VAL A 23 1.99 -0.87 7.60
CA VAL A 23 2.51 0.49 7.69
C VAL A 23 2.20 1.11 9.05
N MET A 24 1.16 0.58 9.70
CA MET A 24 0.76 1.08 11.01
C MET A 24 1.37 0.23 12.13
N ASP A 25 1.58 -1.04 11.85
CA ASP A 25 2.16 -1.95 12.83
C ASP A 25 3.65 -1.71 12.98
N CYS A 26 4.30 -1.29 11.89
CA CYS A 26 5.72 -1.02 11.91
C CYS A 26 6.00 0.47 11.79
N GLY A 27 5.25 1.14 10.92
CA GLY A 27 5.42 2.57 10.74
C GLY A 27 5.66 2.94 9.29
N PHE A 28 6.11 4.17 9.06
CA PHE A 28 6.37 4.65 7.71
C PHE A 28 7.87 4.63 7.42
N GLY A 29 8.27 3.87 6.40
CA GLY A 29 9.67 3.79 6.04
C GLY A 29 10.22 2.39 6.16
N ASN A 30 9.61 1.59 7.04
CA ASN A 30 10.04 0.21 7.24
C ASN A 30 9.58 -0.68 6.11
N TRP A 31 9.80 -0.23 4.88
CA TRP A 31 9.40 -1.00 3.71
C TRP A 31 9.73 -2.48 3.88
N GLN A 32 10.87 -2.75 4.51
CA GLN A 32 11.30 -4.12 4.74
C GLN A 32 10.28 -4.88 5.58
N ASP A 33 10.15 -4.50 6.84
CA ASP A 33 9.22 -5.14 7.75
C ASP A 33 7.82 -5.22 7.13
N VAL A 34 7.44 -4.15 6.43
CA VAL A 34 6.14 -4.10 5.79
C VAL A 34 6.00 -5.18 4.73
N ALA A 35 7.09 -5.47 4.03
CA ALA A 35 7.09 -6.49 2.99
C ALA A 35 6.58 -7.82 3.53
N ASN A 36 6.56 -7.94 4.85
CA ASN A 36 6.09 -9.17 5.49
C ASN A 36 4.72 -9.59 4.96
N GLN A 37 3.73 -8.72 5.16
CA GLN A 37 2.38 -8.99 4.70
C GLN A 37 2.20 -8.54 3.25
N MET A 38 3.09 -7.69 2.79
CA MET A 38 3.03 -7.17 1.42
C MET A 38 3.88 -8.03 0.48
N CYS A 39 4.53 -9.04 1.04
CA CYS A 39 5.36 -9.94 0.25
C CYS A 39 4.79 -10.11 -1.15
N THR A 40 3.48 -10.02 -1.27
CA THR A 40 2.80 -10.17 -2.55
C THR A 40 3.48 -9.34 -3.63
N LYS A 41 4.31 -8.40 -3.21
CA LYS A 41 5.03 -7.53 -4.14
C LYS A 41 6.42 -7.17 -3.60
N THR A 42 7.12 -6.31 -4.32
CA THR A 42 8.45 -5.89 -3.91
C THR A 42 8.39 -4.69 -2.97
N LYS A 43 9.15 -4.76 -1.89
CA LYS A 43 9.18 -3.68 -0.91
C LYS A 43 9.19 -2.32 -1.59
N GLU A 44 9.81 -2.26 -2.77
CA GLU A 44 9.88 -1.02 -3.53
C GLU A 44 8.50 -0.59 -4.01
N GLU A 45 7.71 -1.56 -4.47
CA GLU A 45 6.37 -1.29 -4.96
C GLU A 45 5.44 -0.91 -3.81
N CYS A 46 5.66 -1.51 -2.65
CA CYS A 46 4.85 -1.25 -1.47
C CYS A 46 4.94 0.22 -1.06
N GLU A 47 6.07 0.84 -1.40
CA GLU A 47 6.28 2.25 -1.06
C GLU A 47 5.57 3.16 -2.05
N LYS A 48 6.00 3.11 -3.31
CA LYS A 48 5.40 3.93 -4.36
C LYS A 48 3.89 3.89 -4.28
N HIS A 49 3.32 2.69 -4.33
CA HIS A 49 1.88 2.51 -4.27
C HIS A 49 1.29 3.28 -3.10
N TYR A 50 1.91 3.13 -1.93
CA TYR A 50 1.44 3.81 -0.73
C TYR A 50 1.41 5.31 -0.93
N MET A 51 2.57 5.90 -1.20
CA MET A 51 2.68 7.34 -1.42
C MET A 51 1.87 7.75 -2.64
N LYS A 52 1.39 6.78 -3.40
CA LYS A 52 0.59 7.05 -4.59
C LYS A 52 -0.78 7.57 -4.22
N TYR A 53 -1.56 6.73 -3.55
CA TYR A 53 -2.92 7.12 -3.13
C TYR A 53 -2.91 7.74 -1.74
N PHE A 54 -2.54 6.94 -0.75
CA PHE A 54 -2.49 7.40 0.63
C PHE A 54 -1.91 8.81 0.71
N SER A 55 -0.68 8.97 0.22
CA SER A 55 -0.01 10.25 0.24
C SER A 55 -0.48 11.13 -0.91
N GLY A 56 -1.80 11.14 -1.13
CA GLY A 56 -2.36 11.94 -2.21
C GLY A 56 -1.46 12.01 -3.41
N PRO A 57 -0.78 13.15 -3.58
CA PRO A 57 0.14 13.37 -4.71
C PRO A 57 1.41 12.52 -4.60
N SER A 58 1.88 12.04 -5.75
CA SER A 58 3.08 11.20 -5.78
C SER A 58 4.33 12.07 -5.77
N SER A 59 4.32 13.12 -4.96
CA SER A 59 5.46 14.03 -4.86
C SER A 59 6.73 13.26 -4.51
N GLY A 60 6.71 12.58 -3.36
CA GLY A 60 7.87 11.83 -2.94
C GLY A 60 8.85 12.65 -2.13
N GLY A 1 -13.58 -0.37 7.72
CA GLY A 1 -14.98 -0.35 7.32
C GLY A 1 -15.29 -1.32 6.22
N SER A 2 -16.55 -1.36 5.80
CA SER A 2 -16.98 -2.27 4.74
C SER A 2 -17.08 -1.54 3.40
N SER A 3 -16.09 -0.69 3.13
CA SER A 3 -16.05 0.08 1.90
C SER A 3 -14.62 0.26 1.39
N GLY A 4 -14.45 0.28 0.08
CA GLY A 4 -13.13 0.44 -0.50
C GLY A 4 -13.07 1.60 -1.47
N SER A 5 -11.86 1.95 -1.89
CA SER A 5 -11.66 3.05 -2.83
C SER A 5 -11.41 2.52 -4.24
N SER A 6 -11.27 3.44 -5.19
CA SER A 6 -11.03 3.07 -6.58
C SER A 6 -10.07 1.89 -6.67
N GLY A 7 -10.51 0.83 -7.34
CA GLY A 7 -9.69 -0.36 -7.48
C GLY A 7 -8.67 -0.22 -8.59
N ASP A 8 -7.60 -1.02 -8.52
CA ASP A 8 -6.55 -0.98 -9.53
C ASP A 8 -6.29 -2.37 -10.09
N PRO A 9 -6.17 -2.46 -11.42
CA PRO A 9 -5.92 -3.72 -12.12
C PRO A 9 -4.51 -4.26 -11.86
N SER A 10 -3.74 -3.52 -11.07
CA SER A 10 -2.37 -3.91 -10.75
C SER A 10 -2.28 -4.45 -9.33
N TRP A 11 -2.95 -3.77 -8.40
CA TRP A 11 -2.95 -4.19 -7.00
C TRP A 11 -4.29 -4.79 -6.61
N THR A 12 -4.30 -5.54 -5.50
CA THR A 12 -5.52 -6.17 -5.03
C THR A 12 -5.99 -5.54 -3.72
N ALA A 13 -7.26 -5.75 -3.39
CA ALA A 13 -7.84 -5.21 -2.16
C ALA A 13 -7.06 -5.69 -0.93
N GLN A 14 -6.67 -6.96 -0.95
CA GLN A 14 -5.93 -7.54 0.16
C GLN A 14 -4.62 -6.80 0.40
N GLU A 15 -3.91 -6.50 -0.69
CA GLU A 15 -2.64 -5.80 -0.60
C GLU A 15 -2.83 -4.41 0.01
N GLU A 16 -3.92 -3.74 -0.38
CA GLU A 16 -4.22 -2.41 0.13
C GLU A 16 -4.33 -2.42 1.66
N MET A 17 -5.27 -3.21 2.17
CA MET A 17 -5.48 -3.31 3.61
C MET A 17 -4.21 -3.79 4.30
N ALA A 18 -3.57 -4.79 3.72
CA ALA A 18 -2.34 -5.34 4.29
C ALA A 18 -1.25 -4.28 4.37
N LEU A 19 -1.20 -3.40 3.37
CA LEU A 19 -0.21 -2.34 3.34
C LEU A 19 -0.41 -1.35 4.48
N LEU A 20 -1.66 -0.93 4.67
CA LEU A 20 -1.99 0.01 5.74
C LEU A 20 -1.66 -0.57 7.10
N GLU A 21 -2.26 -1.71 7.42
CA GLU A 21 -2.01 -2.38 8.69
C GLU A 21 -0.52 -2.55 8.95
N ALA A 22 0.18 -3.11 7.97
CA ALA A 22 1.61 -3.33 8.08
C ALA A 22 2.34 -2.05 8.48
N VAL A 23 2.05 -0.97 7.76
CA VAL A 23 2.67 0.32 8.04
C VAL A 23 2.35 0.79 9.45
N MET A 24 1.08 0.69 9.83
CA MET A 24 0.65 1.10 11.16
C MET A 24 1.28 0.22 12.24
N ASP A 25 1.49 -1.04 11.91
CA ASP A 25 2.08 -1.99 12.85
C ASP A 25 3.57 -1.72 13.03
N CYS A 26 4.29 -1.68 11.91
CA CYS A 26 5.73 -1.44 11.94
C CYS A 26 6.02 0.06 11.91
N GLY A 27 5.70 0.70 10.79
CA GLY A 27 5.94 2.12 10.66
C GLY A 27 6.35 2.51 9.25
N PHE A 28 6.49 3.82 9.02
CA PHE A 28 6.87 4.32 7.70
C PHE A 28 8.38 4.16 7.48
N GLY A 29 8.77 3.98 6.23
CA GLY A 29 10.18 3.81 5.91
C GLY A 29 10.65 2.38 6.06
N ASN A 30 9.97 1.63 6.92
CA ASN A 30 10.33 0.24 7.16
C ASN A 30 9.79 -0.66 6.05
N TRP A 31 9.97 -0.22 4.81
CA TRP A 31 9.51 -0.99 3.66
C TRP A 31 9.84 -2.46 3.82
N GLN A 32 10.94 -2.75 4.51
CA GLN A 32 11.36 -4.12 4.73
C GLN A 32 10.35 -4.87 5.59
N ASP A 33 10.10 -4.36 6.79
CA ASP A 33 9.15 -4.99 7.70
C ASP A 33 7.78 -5.12 7.06
N VAL A 34 7.33 -4.03 6.42
CA VAL A 34 6.03 -4.02 5.76
C VAL A 34 5.93 -5.13 4.72
N ALA A 35 7.02 -5.37 4.00
CA ALA A 35 7.06 -6.40 2.99
C ALA A 35 6.57 -7.74 3.53
N ASN A 36 6.55 -7.85 4.86
CA ASN A 36 6.11 -9.07 5.51
C ASN A 36 4.76 -9.53 4.97
N GLN A 37 3.74 -8.69 5.15
CA GLN A 37 2.39 -9.00 4.68
C GLN A 37 2.21 -8.55 3.23
N MET A 38 3.10 -7.67 2.77
CA MET A 38 3.03 -7.17 1.40
C MET A 38 3.89 -8.03 0.47
N CYS A 39 4.57 -9.02 1.04
CA CYS A 39 5.42 -9.91 0.26
C CYS A 39 4.86 -10.10 -1.15
N THR A 40 3.54 -10.03 -1.27
CA THR A 40 2.88 -10.20 -2.57
C THR A 40 3.55 -9.33 -3.63
N LYS A 41 4.36 -8.38 -3.19
CA LYS A 41 5.05 -7.49 -4.12
C LYS A 41 6.44 -7.13 -3.58
N THR A 42 7.12 -6.24 -4.29
CA THR A 42 8.47 -5.82 -3.89
C THR A 42 8.40 -4.59 -2.98
N LYS A 43 9.16 -4.64 -1.89
CA LYS A 43 9.19 -3.53 -0.94
C LYS A 43 9.21 -2.19 -1.66
N GLU A 44 9.84 -2.17 -2.83
CA GLU A 44 9.93 -0.94 -3.62
C GLU A 44 8.55 -0.51 -4.11
N GLU A 45 7.75 -1.48 -4.54
CA GLU A 45 6.41 -1.21 -5.04
C GLU A 45 5.48 -0.82 -3.90
N CYS A 46 5.59 -1.54 -2.78
CA CYS A 46 4.76 -1.27 -1.62
C CYS A 46 4.83 0.20 -1.21
N GLU A 47 6.00 0.81 -1.43
CA GLU A 47 6.19 2.21 -1.09
C GLU A 47 5.46 3.13 -2.06
N LYS A 48 5.90 3.11 -3.32
CA LYS A 48 5.29 3.94 -4.35
C LYS A 48 3.77 3.84 -4.29
N HIS A 49 3.25 2.62 -4.35
CA HIS A 49 1.80 2.39 -4.31
C HIS A 49 1.19 3.13 -3.12
N TYR A 50 1.86 3.08 -1.98
CA TYR A 50 1.37 3.74 -0.78
C TYR A 50 1.39 5.26 -0.94
N MET A 51 2.58 5.81 -1.12
CA MET A 51 2.74 7.26 -1.29
C MET A 51 2.00 7.74 -2.54
N LYS A 52 1.64 6.80 -3.40
CA LYS A 52 0.92 7.13 -4.63
C LYS A 52 -0.48 7.67 -4.32
N TYR A 53 -1.29 6.85 -3.66
CA TYR A 53 -2.65 7.24 -3.30
C TYR A 53 -2.67 7.90 -1.93
N PHE A 54 -2.35 7.13 -0.91
CA PHE A 54 -2.34 7.62 0.47
C PHE A 54 -1.68 9.00 0.53
N SER A 55 -0.37 9.04 0.38
CA SER A 55 0.38 10.29 0.43
C SER A 55 -0.05 11.22 -0.71
N GLY A 56 -0.39 10.63 -1.85
CA GLY A 56 -0.81 11.43 -2.99
C GLY A 56 0.31 11.68 -3.98
N PRO A 57 0.15 12.71 -4.82
CA PRO A 57 1.15 13.08 -5.82
C PRO A 57 2.41 13.67 -5.20
N SER A 58 2.42 13.76 -3.87
CA SER A 58 3.57 14.31 -3.15
C SER A 58 4.88 13.90 -3.82
N SER A 59 5.00 12.62 -4.16
CA SER A 59 6.19 12.10 -4.80
C SER A 59 6.05 12.15 -6.33
N GLY A 60 7.14 12.54 -6.99
CA GLY A 60 7.12 12.63 -8.45
C GLY A 60 8.40 13.20 -9.01
N GLY A 1 -12.22 13.33 1.66
CA GLY A 1 -12.84 12.44 2.63
C GLY A 1 -12.09 11.12 2.78
N SER A 2 -12.74 10.15 3.38
CA SER A 2 -12.13 8.84 3.59
C SER A 2 -11.81 8.16 2.26
N SER A 3 -10.60 7.65 2.14
CA SER A 3 -10.17 6.98 0.91
C SER A 3 -11.27 6.05 0.40
N GLY A 4 -11.72 6.31 -0.82
CA GLY A 4 -12.77 5.50 -1.41
C GLY A 4 -12.24 4.19 -1.97
N SER A 5 -13.01 3.56 -2.84
CA SER A 5 -12.61 2.29 -3.45
C SER A 5 -11.39 2.48 -4.35
N SER A 6 -10.23 2.02 -3.88
CA SER A 6 -9.00 2.13 -4.65
C SER A 6 -8.69 0.84 -5.39
N GLY A 7 -9.29 0.68 -6.56
CA GLY A 7 -9.07 -0.51 -7.36
C GLY A 7 -7.98 -0.33 -8.39
N ASP A 8 -7.25 -1.40 -8.68
CA ASP A 8 -6.17 -1.35 -9.66
C ASP A 8 -6.04 -2.69 -10.39
N PRO A 9 -5.78 -2.62 -11.71
CA PRO A 9 -5.63 -3.81 -12.55
C PRO A 9 -4.35 -4.58 -12.24
N SER A 10 -3.54 -4.02 -11.33
CA SER A 10 -2.28 -4.66 -10.96
C SER A 10 -2.34 -5.14 -9.51
N TRP A 11 -2.66 -4.23 -8.60
CA TRP A 11 -2.75 -4.57 -7.18
C TRP A 11 -4.12 -5.10 -6.84
N THR A 12 -4.28 -5.59 -5.60
CA THR A 12 -5.54 -6.14 -5.15
C THR A 12 -6.01 -5.46 -3.87
N ALA A 13 -7.28 -5.66 -3.53
CA ALA A 13 -7.85 -5.06 -2.33
C ALA A 13 -7.09 -5.52 -1.08
N GLN A 14 -6.74 -6.79 -1.03
CA GLN A 14 -6.00 -7.35 0.10
C GLN A 14 -4.68 -6.63 0.30
N GLU A 15 -3.97 -6.38 -0.81
CA GLU A 15 -2.68 -5.70 -0.76
C GLU A 15 -2.83 -4.32 -0.13
N GLU A 16 -3.82 -3.57 -0.59
CA GLU A 16 -4.06 -2.22 -0.08
C GLU A 16 -4.15 -2.23 1.44
N MET A 17 -5.09 -2.99 1.97
CA MET A 17 -5.28 -3.09 3.42
C MET A 17 -4.02 -3.65 4.09
N ALA A 18 -3.48 -4.71 3.52
CA ALA A 18 -2.28 -5.35 4.05
C ALA A 18 -1.15 -4.34 4.20
N LEU A 19 -1.17 -3.31 3.36
CA LEU A 19 -0.14 -2.27 3.40
C LEU A 19 -0.35 -1.33 4.58
N LEU A 20 -1.59 -0.91 4.79
CA LEU A 20 -1.92 -0.01 5.89
C LEU A 20 -1.58 -0.66 7.23
N GLU A 21 -2.19 -1.80 7.51
CA GLU A 21 -1.95 -2.52 8.76
C GLU A 21 -0.46 -2.62 9.05
N ALA A 22 0.30 -3.06 8.04
CA ALA A 22 1.75 -3.20 8.19
C ALA A 22 2.42 -1.86 8.43
N VAL A 23 2.08 -0.87 7.61
CA VAL A 23 2.65 0.47 7.74
C VAL A 23 2.38 1.03 9.13
N MET A 24 1.28 0.62 9.74
CA MET A 24 0.91 1.09 11.07
C MET A 24 1.39 0.10 12.14
N ASP A 25 1.60 -1.14 11.74
CA ASP A 25 2.06 -2.18 12.67
C ASP A 25 3.57 -2.11 12.85
N CYS A 26 4.26 -1.62 11.83
CA CYS A 26 5.71 -1.51 11.87
C CYS A 26 6.15 -0.04 11.90
N GLY A 27 5.80 0.68 10.84
CA GLY A 27 6.16 2.09 10.76
C GLY A 27 6.55 2.51 9.35
N PHE A 28 6.64 3.81 9.13
CA PHE A 28 7.00 4.34 7.82
C PHE A 28 8.49 4.17 7.55
N GLY A 29 8.83 3.92 6.29
CA GLY A 29 10.22 3.74 5.92
C GLY A 29 10.68 2.30 6.08
N ASN A 30 10.03 1.57 6.98
CA ASN A 30 10.37 0.17 7.22
C ASN A 30 9.82 -0.73 6.12
N TRP A 31 10.04 -0.33 4.87
CA TRP A 31 9.57 -1.09 3.72
C TRP A 31 9.88 -2.58 3.90
N GLN A 32 10.99 -2.87 4.58
CA GLN A 32 11.39 -4.25 4.82
C GLN A 32 10.37 -4.97 5.70
N ASP A 33 10.14 -4.42 6.89
CA ASP A 33 9.20 -5.01 7.84
C ASP A 33 7.81 -5.12 7.21
N VAL A 34 7.38 -4.06 6.54
CA VAL A 34 6.08 -4.04 5.90
C VAL A 34 5.95 -5.14 4.86
N ALA A 35 7.03 -5.37 4.12
CA ALA A 35 7.06 -6.39 3.08
C ALA A 35 6.57 -7.74 3.64
N ASN A 36 6.56 -7.86 4.95
CA ASN A 36 6.11 -9.09 5.60
C ASN A 36 4.76 -9.53 5.07
N GLN A 37 3.75 -8.68 5.25
CA GLN A 37 2.40 -8.98 4.78
C GLN A 37 2.22 -8.55 3.34
N MET A 38 3.10 -7.67 2.87
CA MET A 38 3.03 -7.18 1.50
C MET A 38 3.89 -8.04 0.57
N CYS A 39 4.57 -9.03 1.14
CA CYS A 39 5.42 -9.92 0.36
C CYS A 39 4.86 -10.13 -1.04
N THR A 40 3.55 -10.04 -1.17
CA THR A 40 2.88 -10.22 -2.44
C THR A 40 3.57 -9.39 -3.53
N LYS A 41 4.38 -8.43 -3.11
CA LYS A 41 5.09 -7.57 -4.05
C LYS A 41 6.46 -7.19 -3.50
N THR A 42 7.16 -6.32 -4.22
CA THR A 42 8.48 -5.86 -3.81
C THR A 42 8.40 -4.64 -2.91
N LYS A 43 9.13 -4.67 -1.81
CA LYS A 43 9.14 -3.56 -0.86
C LYS A 43 9.13 -2.22 -1.59
N GLU A 44 9.78 -2.18 -2.75
CA GLU A 44 9.86 -0.96 -3.55
C GLU A 44 8.47 -0.57 -4.06
N GLU A 45 7.70 -1.56 -4.50
CA GLU A 45 6.36 -1.31 -5.01
C GLU A 45 5.41 -0.93 -3.89
N CYS A 46 5.65 -1.48 -2.70
CA CYS A 46 4.81 -1.20 -1.54
C CYS A 46 4.89 0.27 -1.16
N GLU A 47 6.06 0.88 -1.37
CA GLU A 47 6.27 2.28 -1.04
C GLU A 47 5.51 3.18 -2.01
N LYS A 48 5.84 3.09 -3.28
CA LYS A 48 5.18 3.89 -4.30
C LYS A 48 3.67 3.79 -4.20
N HIS A 49 3.16 2.56 -4.32
CA HIS A 49 1.72 2.32 -4.23
C HIS A 49 1.11 3.08 -3.07
N TYR A 50 1.81 3.07 -1.93
CA TYR A 50 1.33 3.75 -0.74
C TYR A 50 1.30 5.27 -0.95
N MET A 51 2.47 5.84 -1.21
CA MET A 51 2.57 7.28 -1.45
C MET A 51 1.77 7.70 -2.68
N LYS A 52 1.37 6.71 -3.47
CA LYS A 52 0.59 6.98 -4.68
C LYS A 52 -0.81 7.49 -4.32
N TYR A 53 -1.56 6.69 -3.59
CA TYR A 53 -2.91 7.06 -3.17
C TYR A 53 -2.89 7.74 -1.80
N PHE A 54 -2.51 6.97 -0.78
CA PHE A 54 -2.46 7.49 0.57
C PHE A 54 -1.82 8.87 0.62
N SER A 55 -0.60 8.97 0.09
CA SER A 55 0.12 10.24 0.06
C SER A 55 -0.17 10.99 -1.23
N GLY A 56 -1.43 10.98 -1.64
CA GLY A 56 -1.82 11.68 -2.87
C GLY A 56 -0.97 11.28 -4.06
N PRO A 57 -1.37 11.73 -5.25
CA PRO A 57 -0.65 11.42 -6.49
C PRO A 57 0.70 12.13 -6.57
N SER A 58 1.75 11.35 -6.81
CA SER A 58 3.11 11.90 -6.91
C SER A 58 3.40 12.39 -8.33
N SER A 59 3.04 11.56 -9.32
CA SER A 59 3.27 11.90 -10.71
C SER A 59 2.03 12.56 -11.31
N GLY A 60 0.88 11.95 -11.09
CA GLY A 60 -0.36 12.49 -11.62
C GLY A 60 -0.71 11.92 -12.98
N GLY A 1 -17.59 8.39 -8.25
CA GLY A 1 -17.43 9.59 -7.45
C GLY A 1 -16.22 10.39 -7.86
N SER A 2 -15.67 11.17 -6.92
CA SER A 2 -14.50 11.99 -7.19
C SER A 2 -13.32 11.12 -7.60
N SER A 3 -12.97 10.16 -6.75
CA SER A 3 -11.85 9.27 -7.02
C SER A 3 -12.34 7.94 -7.60
N GLY A 4 -13.21 7.26 -6.84
CA GLY A 4 -13.74 5.99 -7.30
C GLY A 4 -12.65 4.99 -7.62
N SER A 5 -12.04 4.42 -6.57
CA SER A 5 -10.97 3.45 -6.75
C SER A 5 -11.49 2.03 -6.53
N SER A 6 -11.98 1.42 -7.60
CA SER A 6 -12.50 0.06 -7.53
C SER A 6 -11.38 -0.97 -7.56
N GLY A 7 -10.77 -1.20 -6.41
CA GLY A 7 -9.68 -2.16 -6.33
C GLY A 7 -8.75 -2.10 -7.53
N ASP A 8 -7.70 -1.29 -7.43
CA ASP A 8 -6.74 -1.14 -8.51
C ASP A 8 -6.54 -2.46 -9.25
N PRO A 9 -6.36 -2.38 -10.57
CA PRO A 9 -6.15 -3.57 -11.41
C PRO A 9 -4.79 -4.22 -11.16
N SER A 10 -3.81 -3.41 -10.75
CA SER A 10 -2.47 -3.92 -10.49
C SER A 10 -2.41 -4.60 -9.13
N TRP A 11 -2.96 -3.94 -8.12
CA TRP A 11 -2.97 -4.49 -6.76
C TRP A 11 -4.32 -5.09 -6.43
N THR A 12 -4.41 -5.71 -5.26
CA THR A 12 -5.66 -6.34 -4.82
C THR A 12 -6.15 -5.73 -3.51
N ALA A 13 -7.44 -5.94 -3.21
CA ALA A 13 -8.03 -5.41 -2.00
C ALA A 13 -7.23 -5.83 -0.77
N GLN A 14 -6.80 -7.09 -0.75
CA GLN A 14 -6.03 -7.63 0.37
C GLN A 14 -4.73 -6.85 0.54
N GLU A 15 -4.03 -6.60 -0.57
CA GLU A 15 -2.77 -5.88 -0.54
C GLU A 15 -2.96 -4.49 0.04
N GLU A 16 -3.99 -3.79 -0.43
CA GLU A 16 -4.28 -2.44 0.04
C GLU A 16 -4.38 -2.40 1.56
N MET A 17 -5.26 -3.25 2.11
CA MET A 17 -5.45 -3.30 3.55
C MET A 17 -4.17 -3.73 4.26
N ALA A 18 -3.53 -4.77 3.73
CA ALA A 18 -2.28 -5.27 4.31
C ALA A 18 -1.20 -4.19 4.32
N LEU A 19 -1.24 -3.32 3.32
CA LEU A 19 -0.26 -2.24 3.21
C LEU A 19 -0.42 -1.25 4.37
N LEU A 20 -1.66 -0.98 4.75
CA LEU A 20 -1.94 -0.06 5.84
C LEU A 20 -1.63 -0.69 7.19
N GLU A 21 -2.22 -1.86 7.43
CA GLU A 21 -2.00 -2.58 8.69
C GLU A 21 -0.51 -2.70 9.00
N ALA A 22 0.25 -3.18 8.01
CA ALA A 22 1.69 -3.34 8.17
C ALA A 22 2.35 -2.03 8.57
N VAL A 23 2.09 -0.98 7.80
CA VAL A 23 2.65 0.33 8.08
C VAL A 23 2.36 0.77 9.51
N MET A 24 1.10 0.61 9.92
CA MET A 24 0.69 0.99 11.27
C MET A 24 1.38 0.12 12.32
N ASP A 25 1.44 -1.19 12.05
CA ASP A 25 2.07 -2.12 12.98
C ASP A 25 3.55 -1.78 13.16
N CYS A 26 4.29 -1.73 12.07
CA CYS A 26 5.71 -1.41 12.11
C CYS A 26 5.93 0.10 12.06
N GLY A 27 5.60 0.70 10.92
CA GLY A 27 5.77 2.13 10.76
C GLY A 27 6.15 2.52 9.35
N PHE A 28 6.49 3.78 9.15
CA PHE A 28 6.86 4.28 7.83
C PHE A 28 8.37 4.12 7.60
N GLY A 29 8.76 3.92 6.35
CA GLY A 29 10.16 3.77 6.02
C GLY A 29 10.64 2.34 6.16
N ASN A 30 9.97 1.57 7.02
CA ASN A 30 10.32 0.18 7.24
C ASN A 30 9.77 -0.71 6.13
N TRP A 31 9.93 -0.25 4.89
CA TRP A 31 9.46 -1.01 3.74
C TRP A 31 9.77 -2.49 3.89
N GLN A 32 10.92 -2.79 4.51
CA GLN A 32 11.34 -4.17 4.71
C GLN A 32 10.34 -4.92 5.58
N ASP A 33 10.09 -4.39 6.78
CA ASP A 33 9.16 -5.02 7.71
C ASP A 33 7.77 -5.14 7.09
N VAL A 34 7.33 -4.07 6.42
CA VAL A 34 6.02 -4.05 5.79
C VAL A 34 5.91 -5.13 4.72
N ALA A 35 7.01 -5.38 4.02
CA ALA A 35 7.04 -6.39 2.98
C ALA A 35 6.57 -7.74 3.51
N ASN A 36 6.55 -7.87 4.83
CA ASN A 36 6.12 -9.12 5.47
C ASN A 36 4.77 -9.56 4.92
N GLN A 37 3.75 -8.73 5.12
CA GLN A 37 2.40 -9.03 4.65
C GLN A 37 2.21 -8.58 3.20
N MET A 38 3.10 -7.70 2.75
CA MET A 38 3.03 -7.19 1.38
C MET A 38 3.89 -8.02 0.45
N CYS A 39 4.57 -9.01 1.01
CA CYS A 39 5.44 -9.88 0.21
C CYS A 39 4.88 -10.06 -1.20
N THR A 40 3.56 -9.99 -1.32
CA THR A 40 2.91 -10.15 -2.61
C THR A 40 3.58 -9.29 -3.68
N LYS A 41 4.39 -8.33 -3.25
CA LYS A 41 5.10 -7.45 -4.16
C LYS A 41 6.48 -7.09 -3.61
N THR A 42 7.17 -6.20 -4.33
CA THR A 42 8.50 -5.77 -3.91
C THR A 42 8.42 -4.58 -2.95
N LYS A 43 9.17 -4.65 -1.87
CA LYS A 43 9.19 -3.58 -0.88
C LYS A 43 9.23 -2.21 -1.56
N GLU A 44 9.83 -2.16 -2.75
CA GLU A 44 9.93 -0.92 -3.50
C GLU A 44 8.57 -0.49 -4.02
N GLU A 45 7.78 -1.46 -4.47
CA GLU A 45 6.45 -1.17 -4.99
C GLU A 45 5.48 -0.81 -3.87
N CYS A 46 5.71 -1.38 -2.69
CA CYS A 46 4.86 -1.11 -1.54
C CYS A 46 4.90 0.36 -1.16
N GLU A 47 6.04 1.00 -1.41
CA GLU A 47 6.22 2.42 -1.10
C GLU A 47 5.49 3.30 -2.11
N LYS A 48 5.94 3.25 -3.35
CA LYS A 48 5.33 4.04 -4.42
C LYS A 48 3.81 3.92 -4.38
N HIS A 49 3.32 2.69 -4.48
CA HIS A 49 1.88 2.44 -4.45
C HIS A 49 1.22 3.19 -3.31
N TYR A 50 1.87 3.19 -2.15
CA TYR A 50 1.34 3.87 -0.97
C TYR A 50 1.38 5.38 -1.15
N MET A 51 2.59 5.93 -1.22
CA MET A 51 2.77 7.37 -1.40
C MET A 51 2.08 7.85 -2.67
N LYS A 52 1.68 6.91 -3.52
CA LYS A 52 1.01 7.24 -4.77
C LYS A 52 -0.39 7.78 -4.51
N TYR A 53 -1.23 6.98 -3.87
CA TYR A 53 -2.60 7.38 -3.55
C TYR A 53 -2.72 7.79 -2.09
N PHE A 54 -2.50 6.83 -1.19
CA PHE A 54 -2.59 7.09 0.24
C PHE A 54 -2.05 8.47 0.58
N SER A 55 -0.73 8.64 0.48
CA SER A 55 -0.10 9.92 0.77
C SER A 55 -0.81 11.06 0.05
N GLY A 56 -1.25 10.79 -1.18
CA GLY A 56 -1.93 11.81 -1.96
C GLY A 56 -0.98 12.66 -2.77
N PRO A 57 -1.49 13.78 -3.31
CA PRO A 57 -0.69 14.69 -4.13
C PRO A 57 0.35 15.45 -3.30
N SER A 58 0.42 15.13 -2.02
CA SER A 58 1.36 15.78 -1.12
C SER A 58 2.66 16.12 -1.85
N SER A 59 2.89 17.40 -2.08
CA SER A 59 4.10 17.85 -2.76
C SER A 59 4.32 17.05 -4.05
N GLY A 60 3.29 17.00 -4.89
CA GLY A 60 3.39 16.27 -6.14
C GLY A 60 3.10 14.80 -5.97
N GLY A 1 -21.56 15.10 -6.73
CA GLY A 1 -20.17 15.48 -6.52
C GLY A 1 -19.55 14.74 -5.35
N SER A 2 -18.98 13.58 -5.62
CA SER A 2 -18.36 12.77 -4.58
C SER A 2 -17.08 12.09 -5.10
N SER A 3 -16.34 11.47 -4.19
CA SER A 3 -15.10 10.79 -4.56
C SER A 3 -15.16 9.32 -4.18
N GLY A 4 -14.17 8.55 -4.65
CA GLY A 4 -14.13 7.13 -4.35
C GLY A 4 -12.86 6.47 -4.87
N SER A 5 -12.91 5.16 -5.04
CA SER A 5 -11.76 4.40 -5.53
C SER A 5 -11.91 4.08 -7.01
N SER A 6 -10.84 4.31 -7.77
CA SER A 6 -10.85 4.04 -9.20
C SER A 6 -10.99 2.54 -9.47
N GLY A 7 -10.14 1.74 -8.84
CA GLY A 7 -10.18 0.30 -9.03
C GLY A 7 -8.90 -0.23 -9.63
N ASP A 8 -7.77 0.30 -9.19
CA ASP A 8 -6.48 -0.14 -9.70
C ASP A 8 -6.45 -1.66 -9.87
N PRO A 9 -6.58 -2.12 -11.11
CA PRO A 9 -6.57 -3.55 -11.44
C PRO A 9 -5.19 -4.18 -11.25
N SER A 10 -4.19 -3.33 -11.07
CA SER A 10 -2.81 -3.80 -10.89
C SER A 10 -2.62 -4.39 -9.49
N TRP A 11 -3.32 -3.82 -8.52
CA TRP A 11 -3.22 -4.29 -7.14
C TRP A 11 -4.54 -4.93 -6.69
N THR A 12 -4.54 -5.49 -5.48
CA THR A 12 -5.72 -6.14 -4.94
C THR A 12 -6.14 -5.51 -3.62
N ALA A 13 -7.39 -5.74 -3.23
CA ALA A 13 -7.90 -5.19 -1.97
C ALA A 13 -7.06 -5.64 -0.79
N GLN A 14 -6.64 -6.90 -0.81
CA GLN A 14 -5.82 -7.45 0.27
C GLN A 14 -4.53 -6.66 0.43
N GLU A 15 -3.85 -6.41 -0.68
CA GLU A 15 -2.60 -5.66 -0.66
C GLU A 15 -2.79 -4.28 -0.03
N GLU A 16 -3.87 -3.62 -0.41
CA GLU A 16 -4.18 -2.29 0.11
C GLU A 16 -4.29 -2.32 1.63
N MET A 17 -5.17 -3.18 2.13
CA MET A 17 -5.37 -3.30 3.58
C MET A 17 -4.08 -3.72 4.28
N ALA A 18 -3.43 -4.74 3.72
CA ALA A 18 -2.19 -5.24 4.29
C ALA A 18 -1.13 -4.15 4.34
N LEU A 19 -1.07 -3.34 3.29
CA LEU A 19 -0.09 -2.26 3.22
C LEU A 19 -0.30 -1.27 4.36
N LEU A 20 -1.56 -0.99 4.68
CA LEU A 20 -1.89 -0.05 5.74
C LEU A 20 -1.63 -0.68 7.11
N GLU A 21 -2.18 -1.87 7.31
CA GLU A 21 -2.01 -2.59 8.58
C GLU A 21 -0.54 -2.73 8.94
N ALA A 22 0.25 -3.24 7.99
CA ALA A 22 1.68 -3.43 8.20
C ALA A 22 2.35 -2.12 8.59
N VAL A 23 2.14 -1.08 7.78
CA VAL A 23 2.73 0.23 8.05
C VAL A 23 2.40 0.69 9.46
N MET A 24 1.14 0.55 9.85
CA MET A 24 0.70 0.95 11.19
C MET A 24 1.33 0.07 12.26
N ASP A 25 1.46 -1.22 11.96
CA ASP A 25 2.06 -2.17 12.90
C ASP A 25 3.52 -1.84 13.15
N CYS A 26 4.30 -1.78 12.08
CA CYS A 26 5.73 -1.48 12.18
C CYS A 26 5.96 0.03 12.15
N GLY A 27 5.66 0.64 11.02
CA GLY A 27 5.85 2.07 10.87
C GLY A 27 6.30 2.46 9.48
N PHE A 28 6.01 3.70 9.09
CA PHE A 28 6.38 4.19 7.77
C PHE A 28 7.89 4.11 7.56
N GLY A 29 8.30 3.96 6.31
CA GLY A 29 9.72 3.87 6.00
C GLY A 29 10.25 2.45 6.15
N ASN A 30 9.62 1.67 7.02
CA ASN A 30 10.03 0.29 7.26
C ASN A 30 9.56 -0.62 6.12
N TRP A 31 9.79 -0.18 4.89
CA TRP A 31 9.38 -0.96 3.73
C TRP A 31 9.74 -2.43 3.90
N GLN A 32 10.83 -2.69 4.60
CA GLN A 32 11.29 -4.06 4.84
C GLN A 32 10.28 -4.83 5.68
N ASP A 33 10.03 -4.33 6.89
CA ASP A 33 9.09 -4.98 7.81
C ASP A 33 7.71 -5.11 7.15
N VAL A 34 7.30 -4.06 6.45
CA VAL A 34 6.00 -4.05 5.77
C VAL A 34 5.92 -5.16 4.74
N ALA A 35 7.03 -5.39 4.04
CA ALA A 35 7.08 -6.43 3.02
C ALA A 35 6.60 -7.77 3.56
N ASN A 36 6.56 -7.88 4.89
CA ASN A 36 6.13 -9.12 5.53
C ASN A 36 4.78 -9.57 4.98
N GLN A 37 3.76 -8.74 5.17
CA GLN A 37 2.42 -9.06 4.69
C GLN A 37 2.24 -8.64 3.23
N MET A 38 3.11 -7.74 2.78
CA MET A 38 3.05 -7.24 1.41
C MET A 38 3.93 -8.09 0.49
N CYS A 39 4.63 -9.06 1.07
CA CYS A 39 5.50 -9.93 0.30
C CYS A 39 4.96 -10.15 -1.10
N THR A 40 3.64 -10.12 -1.23
CA THR A 40 2.99 -10.31 -2.53
C THR A 40 3.65 -9.45 -3.61
N LYS A 41 4.44 -8.48 -3.18
CA LYS A 41 5.13 -7.58 -4.10
C LYS A 41 6.49 -7.19 -3.56
N THR A 42 7.18 -6.30 -4.28
CA THR A 42 8.50 -5.83 -3.87
C THR A 42 8.39 -4.63 -2.95
N LYS A 43 9.15 -4.66 -1.85
CA LYS A 43 9.16 -3.56 -0.89
C LYS A 43 9.13 -2.21 -1.60
N GLU A 44 9.74 -2.16 -2.77
CA GLU A 44 9.79 -0.93 -3.55
C GLU A 44 8.39 -0.54 -4.03
N GLU A 45 7.63 -1.52 -4.48
CA GLU A 45 6.28 -1.30 -4.97
C GLU A 45 5.33 -0.93 -3.83
N CYS A 46 5.60 -1.50 -2.65
CA CYS A 46 4.77 -1.22 -1.48
C CYS A 46 4.83 0.25 -1.09
N GLU A 47 5.96 0.88 -1.39
CA GLU A 47 6.15 2.29 -1.08
C GLU A 47 5.43 3.18 -2.09
N LYS A 48 5.89 3.14 -3.34
CA LYS A 48 5.29 3.94 -4.40
C LYS A 48 3.77 3.86 -4.34
N HIS A 49 3.23 2.66 -4.52
CA HIS A 49 1.79 2.46 -4.49
C HIS A 49 1.17 3.20 -3.31
N TYR A 50 1.81 3.13 -2.16
CA TYR A 50 1.32 3.81 -0.96
C TYR A 50 1.36 5.31 -1.13
N MET A 51 2.56 5.86 -1.29
CA MET A 51 2.73 7.30 -1.46
C MET A 51 1.96 7.80 -2.68
N LYS A 52 1.61 6.87 -3.57
CA LYS A 52 0.88 7.22 -4.78
C LYS A 52 -0.51 7.75 -4.44
N TYR A 53 -1.32 6.91 -3.81
CA TYR A 53 -2.67 7.29 -3.42
C TYR A 53 -2.69 7.94 -2.05
N PHE A 54 -2.34 7.17 -1.03
CA PHE A 54 -2.32 7.67 0.34
C PHE A 54 -1.65 9.04 0.41
N SER A 55 -0.32 9.05 0.27
CA SER A 55 0.43 10.31 0.31
C SER A 55 0.00 11.24 -0.80
N GLY A 56 -0.28 10.67 -1.98
CA GLY A 56 -0.69 11.48 -3.11
C GLY A 56 0.43 11.71 -4.09
N PRO A 57 0.32 12.80 -4.86
CA PRO A 57 1.33 13.18 -5.86
C PRO A 57 2.64 13.64 -5.22
N SER A 58 3.65 12.79 -5.25
CA SER A 58 4.94 13.10 -4.67
C SER A 58 5.37 14.51 -5.06
N SER A 59 5.33 14.81 -6.35
CA SER A 59 5.72 16.11 -6.85
C SER A 59 4.82 17.21 -6.28
N GLY A 60 5.14 17.66 -5.07
CA GLY A 60 4.35 18.70 -4.43
C GLY A 60 4.27 19.96 -5.26
N GLY A 1 -22.57 5.61 -15.66
CA GLY A 1 -22.24 4.48 -14.82
C GLY A 1 -20.81 4.50 -14.35
N SER A 2 -20.62 4.80 -13.07
CA SER A 2 -19.28 4.85 -12.49
C SER A 2 -18.85 3.48 -11.99
N SER A 3 -18.35 2.65 -12.89
CA SER A 3 -17.91 1.31 -12.54
C SER A 3 -16.97 0.74 -13.60
N GLY A 4 -16.23 -0.30 -13.23
CA GLY A 4 -15.30 -0.91 -14.17
C GLY A 4 -13.95 -1.19 -13.54
N SER A 5 -13.46 -0.24 -12.75
CA SER A 5 -12.17 -0.40 -12.09
C SER A 5 -12.31 -1.16 -10.77
N SER A 6 -13.28 -0.73 -9.97
CA SER A 6 -13.53 -1.37 -8.68
C SER A 6 -12.21 -1.76 -8.00
N GLY A 7 -11.24 -0.85 -8.04
CA GLY A 7 -9.94 -1.11 -7.44
C GLY A 7 -8.80 -1.05 -8.44
N ASP A 8 -7.72 -1.73 -8.13
CA ASP A 8 -6.55 -1.76 -9.01
C ASP A 8 -6.46 -3.09 -9.76
N PRO A 9 -6.04 -3.02 -11.04
CA PRO A 9 -5.90 -4.21 -11.88
C PRO A 9 -4.75 -5.10 -11.45
N SER A 10 -3.61 -4.49 -11.13
CA SER A 10 -2.44 -5.23 -10.70
C SER A 10 -2.52 -5.58 -9.21
N TRP A 11 -2.82 -4.58 -8.40
CA TRP A 11 -2.94 -4.78 -6.96
C TRP A 11 -4.31 -5.34 -6.59
N THR A 12 -4.45 -5.80 -5.36
CA THR A 12 -5.71 -6.37 -4.89
C THR A 12 -6.17 -5.68 -3.60
N ALA A 13 -7.44 -5.89 -3.25
CA ALA A 13 -8.00 -5.30 -2.04
C ALA A 13 -7.19 -5.69 -0.81
N GLN A 14 -6.75 -6.96 -0.77
CA GLN A 14 -5.96 -7.45 0.34
C GLN A 14 -4.66 -6.67 0.49
N GLU A 15 -3.95 -6.49 -0.62
CA GLU A 15 -2.69 -5.77 -0.61
C GLU A 15 -2.87 -4.38 -0.01
N GLU A 16 -3.95 -3.71 -0.36
CA GLU A 16 -4.24 -2.37 0.14
C GLU A 16 -4.33 -2.38 1.67
N MET A 17 -5.22 -3.21 2.20
CA MET A 17 -5.40 -3.31 3.64
C MET A 17 -4.10 -3.75 4.33
N ALA A 18 -3.49 -4.80 3.80
CA ALA A 18 -2.23 -5.31 4.35
C ALA A 18 -1.16 -4.22 4.38
N LEU A 19 -1.09 -3.45 3.30
CA LEU A 19 -0.10 -2.38 3.20
C LEU A 19 -0.27 -1.37 4.32
N LEU A 20 -1.51 -0.91 4.52
CA LEU A 20 -1.81 0.05 5.58
C LEU A 20 -1.52 -0.54 6.95
N GLU A 21 -2.14 -1.67 7.26
CA GLU A 21 -1.95 -2.34 8.54
C GLU A 21 -0.46 -2.43 8.88
N ALA A 22 0.29 -3.12 8.02
CA ALA A 22 1.72 -3.30 8.23
C ALA A 22 2.40 -1.96 8.55
N VAL A 23 2.01 -0.92 7.82
CA VAL A 23 2.58 0.41 8.04
C VAL A 23 2.25 0.92 9.44
N MET A 24 1.00 0.78 9.83
CA MET A 24 0.56 1.23 11.16
C MET A 24 1.10 0.33 12.25
N ASP A 25 1.40 -0.92 11.89
CA ASP A 25 1.93 -1.89 12.85
C ASP A 25 3.42 -1.65 13.10
N CYS A 26 4.20 -1.63 12.02
CA CYS A 26 5.63 -1.41 12.13
C CYS A 26 5.96 0.09 12.06
N GLY A 27 5.27 0.79 11.17
CA GLY A 27 5.49 2.22 11.02
C GLY A 27 5.79 2.61 9.59
N PHE A 28 6.46 3.74 9.41
CA PHE A 28 6.80 4.23 8.07
C PHE A 28 8.28 4.00 7.78
N GLY A 29 8.63 4.01 6.49
CA GLY A 29 10.01 3.81 6.09
C GLY A 29 10.48 2.40 6.35
N ASN A 30 9.60 1.56 6.89
CA ASN A 30 9.93 0.18 7.19
C ASN A 30 9.53 -0.74 6.03
N TRP A 31 9.57 -0.20 4.82
CA TRP A 31 9.22 -0.98 3.63
C TRP A 31 9.63 -2.43 3.79
N GLN A 32 10.76 -2.66 4.45
CA GLN A 32 11.24 -4.01 4.67
C GLN A 32 10.27 -4.83 5.51
N ASP A 33 10.05 -4.39 6.75
CA ASP A 33 9.14 -5.08 7.66
C ASP A 33 7.76 -5.24 7.02
N VAL A 34 7.30 -4.18 6.35
CA VAL A 34 5.99 -4.19 5.70
C VAL A 34 5.92 -5.28 4.64
N ALA A 35 7.05 -5.50 3.95
CA ALA A 35 7.11 -6.51 2.91
C ALA A 35 6.66 -7.87 3.43
N ASN A 36 6.65 -8.02 4.75
CA ASN A 36 6.24 -9.27 5.38
C ASN A 36 4.89 -9.72 4.84
N GLN A 37 3.86 -8.92 5.08
CA GLN A 37 2.51 -9.24 4.62
C GLN A 37 2.29 -8.77 3.19
N MET A 38 3.17 -7.87 2.73
CA MET A 38 3.08 -7.34 1.38
C MET A 38 3.94 -8.16 0.42
N CYS A 39 4.64 -9.15 0.95
CA CYS A 39 5.51 -9.99 0.14
C CYS A 39 4.94 -10.16 -1.28
N THR A 40 3.61 -10.11 -1.37
CA THR A 40 2.95 -10.26 -2.66
C THR A 40 3.59 -9.38 -3.72
N LYS A 41 4.40 -8.41 -3.28
CA LYS A 41 5.07 -7.51 -4.20
C LYS A 41 6.45 -7.14 -3.67
N THR A 42 7.12 -6.23 -4.37
CA THR A 42 8.45 -5.78 -3.96
C THR A 42 8.37 -4.59 -3.02
N LYS A 43 9.14 -4.64 -1.94
CA LYS A 43 9.16 -3.56 -0.95
C LYS A 43 9.12 -2.20 -1.64
N GLU A 44 9.74 -2.12 -2.81
CA GLU A 44 9.78 -0.88 -3.57
C GLU A 44 8.38 -0.46 -4.01
N GLU A 45 7.59 -1.44 -4.46
CA GLU A 45 6.24 -1.17 -4.91
C GLU A 45 5.33 -0.80 -3.74
N CYS A 46 5.57 -1.42 -2.59
CA CYS A 46 4.79 -1.15 -1.39
C CYS A 46 4.90 0.31 -0.98
N GLU A 47 6.04 0.92 -1.29
CA GLU A 47 6.28 2.32 -0.95
C GLU A 47 5.60 3.24 -1.96
N LYS A 48 6.04 3.19 -3.20
CA LYS A 48 5.47 4.01 -4.27
C LYS A 48 3.95 3.91 -4.27
N HIS A 49 3.44 2.68 -4.27
CA HIS A 49 2.01 2.45 -4.28
C HIS A 49 1.33 3.18 -3.12
N TYR A 50 1.99 3.16 -1.95
CA TYR A 50 1.45 3.80 -0.77
C TYR A 50 1.41 5.32 -0.94
N MET A 51 2.59 5.91 -1.16
CA MET A 51 2.69 7.35 -1.34
C MET A 51 1.92 7.81 -2.57
N LYS A 52 1.66 6.87 -3.47
CA LYS A 52 0.91 7.17 -4.70
C LYS A 52 -0.51 7.60 -4.37
N TYR A 53 -1.28 6.68 -3.79
CA TYR A 53 -2.67 6.95 -3.43
C TYR A 53 -2.74 7.70 -2.11
N PHE A 54 -2.32 7.04 -1.03
CA PHE A 54 -2.34 7.65 0.29
C PHE A 54 -1.69 9.03 0.28
N SER A 55 -0.42 9.06 -0.09
CA SER A 55 0.33 10.32 -0.15
C SER A 55 0.22 10.95 -1.54
N GLY A 56 -0.98 10.92 -2.10
CA GLY A 56 -1.19 11.49 -3.42
C GLY A 56 -2.13 12.68 -3.39
N PRO A 57 -2.14 13.46 -4.48
CA PRO A 57 -2.98 14.65 -4.59
C PRO A 57 -4.47 14.29 -4.73
N SER A 58 -4.74 13.15 -5.34
CA SER A 58 -6.11 12.69 -5.53
C SER A 58 -7.04 13.86 -5.85
N SER A 59 -6.56 14.77 -6.70
CA SER A 59 -7.34 15.94 -7.09
C SER A 59 -7.89 15.78 -8.51
N GLY A 60 -8.85 16.63 -8.85
CA GLY A 60 -9.45 16.57 -10.18
C GLY A 60 -10.38 15.39 -10.34
N GLY A 1 -19.72 2.91 8.10
CA GLY A 1 -20.43 3.41 6.95
C GLY A 1 -19.52 4.02 5.91
N SER A 2 -18.71 3.18 5.28
CA SER A 2 -17.78 3.64 4.25
C SER A 2 -17.92 2.82 2.98
N SER A 3 -17.65 3.46 1.84
CA SER A 3 -17.75 2.78 0.54
C SER A 3 -17.14 3.63 -0.56
N GLY A 4 -16.25 3.03 -1.34
CA GLY A 4 -15.62 3.75 -2.42
C GLY A 4 -15.52 2.92 -3.69
N SER A 5 -14.72 3.40 -4.65
CA SER A 5 -14.54 2.69 -5.92
C SER A 5 -13.15 2.08 -6.01
N SER A 6 -13.04 0.99 -6.76
CA SER A 6 -11.77 0.30 -6.93
C SER A 6 -11.47 0.07 -8.41
N GLY A 7 -10.19 0.17 -8.77
CA GLY A 7 -9.79 -0.03 -10.14
C GLY A 7 -8.29 -0.20 -10.30
N ASP A 8 -7.72 -1.12 -9.53
CA ASP A 8 -6.29 -1.38 -9.58
C ASP A 8 -6.01 -2.71 -10.27
N PRO A 9 -5.76 -2.65 -11.59
CA PRO A 9 -5.47 -3.84 -12.39
C PRO A 9 -4.11 -4.45 -12.06
N SER A 10 -3.43 -3.87 -11.08
CA SER A 10 -2.12 -4.34 -10.67
C SER A 10 -2.15 -4.91 -9.26
N TRP A 11 -2.63 -4.11 -8.32
CA TRP A 11 -2.73 -4.52 -6.93
C TRP A 11 -4.11 -5.09 -6.62
N THR A 12 -4.29 -5.58 -5.40
CA THR A 12 -5.56 -6.16 -4.99
C THR A 12 -6.07 -5.50 -3.70
N ALA A 13 -7.36 -5.63 -3.45
CA ALA A 13 -7.97 -5.05 -2.25
C ALA A 13 -7.24 -5.49 -0.99
N GLN A 14 -6.86 -6.77 -0.94
CA GLN A 14 -6.16 -7.31 0.21
C GLN A 14 -4.82 -6.61 0.41
N GLU A 15 -4.11 -6.38 -0.69
CA GLU A 15 -2.81 -5.71 -0.63
C GLU A 15 -2.94 -4.31 -0.02
N GLU A 16 -3.98 -3.60 -0.42
CA GLU A 16 -4.22 -2.25 0.09
C GLU A 16 -4.32 -2.26 1.61
N MET A 17 -5.28 -3.02 2.13
CA MET A 17 -5.47 -3.11 3.57
C MET A 17 -4.21 -3.61 4.27
N ALA A 18 -3.63 -4.68 3.73
CA ALA A 18 -2.42 -5.25 4.30
C ALA A 18 -1.30 -4.21 4.36
N LEU A 19 -1.36 -3.23 3.47
CA LEU A 19 -0.35 -2.18 3.42
C LEU A 19 -0.53 -1.20 4.58
N LEU A 20 -1.78 -0.88 4.89
CA LEU A 20 -2.09 0.04 5.98
C LEU A 20 -1.77 -0.58 7.32
N GLU A 21 -2.36 -1.73 7.60
CA GLU A 21 -2.14 -2.44 8.86
C GLU A 21 -0.65 -2.63 9.11
N ALA A 22 0.06 -3.09 8.08
CA ALA A 22 1.50 -3.32 8.19
C ALA A 22 2.25 -2.01 8.38
N VAL A 23 1.97 -1.04 7.52
CA VAL A 23 2.62 0.26 7.60
C VAL A 23 2.44 0.89 8.98
N MET A 24 1.34 0.54 9.64
CA MET A 24 1.05 1.08 10.97
C MET A 24 1.50 0.09 12.05
N ASP A 25 1.56 -1.18 11.70
CA ASP A 25 1.98 -2.21 12.65
C ASP A 25 3.50 -2.19 12.82
N CYS A 26 4.21 -1.80 11.78
CA CYS A 26 5.67 -1.74 11.82
C CYS A 26 6.15 -0.29 11.91
N GLY A 27 5.86 0.48 10.87
CA GLY A 27 6.28 1.87 10.84
C GLY A 27 6.76 2.32 9.48
N PHE A 28 6.65 3.61 9.20
CA PHE A 28 7.08 4.16 7.92
C PHE A 28 8.59 4.00 7.73
N GLY A 29 9.01 3.87 6.47
CA GLY A 29 10.41 3.71 6.19
C GLY A 29 10.88 2.27 6.30
N ASN A 30 10.18 1.50 7.12
CA ASN A 30 10.53 0.09 7.33
C ASN A 30 9.98 -0.77 6.20
N TRP A 31 10.11 -0.28 4.96
CA TRP A 31 9.62 -1.01 3.79
C TRP A 31 9.93 -2.49 3.91
N GLN A 32 11.06 -2.81 4.55
CA GLN A 32 11.47 -4.20 4.72
C GLN A 32 10.46 -4.96 5.58
N ASP A 33 10.27 -4.51 6.81
CA ASP A 33 9.34 -5.15 7.73
C ASP A 33 7.94 -5.23 7.11
N VAL A 34 7.52 -4.13 6.48
CA VAL A 34 6.21 -4.09 5.84
C VAL A 34 6.06 -5.16 4.77
N ALA A 35 7.15 -5.40 4.03
CA ALA A 35 7.15 -6.40 2.98
C ALA A 35 6.63 -7.74 3.50
N ASN A 36 6.63 -7.89 4.82
CA ASN A 36 6.17 -9.12 5.46
C ASN A 36 4.79 -9.52 4.93
N GLN A 37 3.80 -8.66 5.16
CA GLN A 37 2.44 -8.92 4.71
C GLN A 37 2.24 -8.46 3.27
N MET A 38 3.15 -7.61 2.81
CA MET A 38 3.07 -7.08 1.44
C MET A 38 3.89 -7.93 0.49
N CYS A 39 4.56 -8.94 1.03
CA CYS A 39 5.39 -9.83 0.22
C CYS A 39 4.81 -9.99 -1.18
N THR A 40 3.48 -9.90 -1.28
CA THR A 40 2.80 -10.04 -2.56
C THR A 40 3.47 -9.19 -3.63
N LYS A 41 4.30 -8.25 -3.21
CA LYS A 41 5.01 -7.37 -4.13
C LYS A 41 6.40 -7.02 -3.61
N THR A 42 7.09 -6.15 -4.32
CA THR A 42 8.43 -5.73 -3.92
C THR A 42 8.37 -4.52 -2.99
N LYS A 43 9.14 -4.59 -1.91
CA LYS A 43 9.18 -3.50 -0.93
C LYS A 43 9.17 -2.16 -1.63
N GLU A 44 9.82 -2.08 -2.78
CA GLU A 44 9.88 -0.83 -3.55
C GLU A 44 8.50 -0.42 -4.02
N GLU A 45 7.71 -1.40 -4.48
CA GLU A 45 6.36 -1.13 -4.96
C GLU A 45 5.43 -0.76 -3.81
N CYS A 46 5.68 -1.36 -2.65
CA CYS A 46 4.86 -1.10 -1.47
C CYS A 46 4.99 0.35 -1.04
N GLU A 47 6.14 0.94 -1.29
CA GLU A 47 6.40 2.34 -0.92
C GLU A 47 5.70 3.29 -1.90
N LYS A 48 6.06 3.19 -3.17
CA LYS A 48 5.47 4.04 -4.21
C LYS A 48 3.95 3.91 -4.20
N HIS A 49 3.46 2.69 -4.29
CA HIS A 49 2.02 2.43 -4.30
C HIS A 49 1.34 3.13 -3.13
N TYR A 50 1.98 3.10 -1.96
CA TYR A 50 1.44 3.73 -0.77
C TYR A 50 1.36 5.24 -0.94
N MET A 51 2.50 5.85 -1.23
CA MET A 51 2.57 7.30 -1.42
C MET A 51 1.73 7.73 -2.62
N LYS A 52 1.47 6.79 -3.53
CA LYS A 52 0.68 7.07 -4.71
C LYS A 52 -0.79 7.21 -4.37
N TYR A 53 -1.38 6.12 -3.89
CA TYR A 53 -2.80 6.11 -3.52
C TYR A 53 -3.04 6.95 -2.26
N PHE A 54 -2.48 6.49 -1.14
CA PHE A 54 -2.62 7.20 0.13
C PHE A 54 -2.11 8.63 0.02
N SER A 55 -0.80 8.78 -0.12
CA SER A 55 -0.18 10.10 -0.23
C SER A 55 -0.35 10.65 -1.64
N GLY A 56 -1.57 10.57 -2.17
CA GLY A 56 -1.84 11.07 -3.50
C GLY A 56 -2.81 12.23 -3.50
N PRO A 57 -3.39 12.53 -4.67
CA PRO A 57 -4.35 13.63 -4.82
C PRO A 57 -5.68 13.35 -4.12
N SER A 58 -6.54 14.36 -4.07
CA SER A 58 -7.84 14.22 -3.43
C SER A 58 -8.97 14.27 -4.46
N SER A 59 -8.87 15.23 -5.39
CA SER A 59 -9.87 15.41 -6.42
C SER A 59 -9.48 14.66 -7.69
N GLY A 60 -10.44 14.00 -8.32
CA GLY A 60 -10.18 13.27 -9.54
C GLY A 60 -10.27 11.76 -9.34
N GLY A 1 -26.66 -4.40 4.65
CA GLY A 1 -25.65 -5.07 3.85
C GLY A 1 -24.77 -4.10 3.10
N SER A 2 -23.95 -3.36 3.84
CA SER A 2 -23.05 -2.37 3.24
C SER A 2 -21.79 -3.05 2.71
N SER A 3 -21.97 -4.20 2.06
CA SER A 3 -20.85 -4.95 1.50
C SER A 3 -20.36 -4.31 0.22
N GLY A 4 -19.15 -3.75 0.27
CA GLY A 4 -18.57 -3.12 -0.91
C GLY A 4 -17.21 -2.50 -0.63
N SER A 5 -16.39 -2.41 -1.67
CA SER A 5 -15.06 -1.84 -1.52
C SER A 5 -14.37 -1.72 -2.89
N SER A 6 -13.65 -0.62 -3.07
CA SER A 6 -12.95 -0.39 -4.34
C SER A 6 -11.76 -1.33 -4.48
N GLY A 7 -11.18 -1.38 -5.68
CA GLY A 7 -10.04 -2.24 -5.93
C GLY A 7 -9.18 -1.74 -7.07
N ASP A 8 -8.02 -2.37 -7.26
CA ASP A 8 -7.11 -1.99 -8.32
C ASP A 8 -6.91 -3.13 -9.31
N PRO A 9 -6.65 -2.79 -10.57
CA PRO A 9 -6.44 -3.77 -11.64
C PRO A 9 -5.13 -4.54 -11.47
N SER A 10 -4.07 -3.82 -11.12
CA SER A 10 -2.76 -4.42 -10.93
C SER A 10 -2.62 -4.99 -9.52
N TRP A 11 -3.04 -4.21 -8.53
CA TRP A 11 -2.96 -4.63 -7.14
C TRP A 11 -4.24 -5.33 -6.71
N THR A 12 -4.26 -5.82 -5.47
CA THR A 12 -5.43 -6.51 -4.94
C THR A 12 -5.87 -5.91 -3.61
N ALA A 13 -7.17 -6.01 -3.33
CA ALA A 13 -7.71 -5.47 -2.09
C ALA A 13 -6.86 -5.88 -0.90
N GLN A 14 -6.42 -7.13 -0.87
CA GLN A 14 -5.60 -7.63 0.22
C GLN A 14 -4.34 -6.77 0.39
N GLU A 15 -3.73 -6.41 -0.72
CA GLU A 15 -2.52 -5.60 -0.70
C GLU A 15 -2.80 -4.23 -0.07
N GLU A 16 -3.88 -3.59 -0.52
CA GLU A 16 -4.26 -2.28 -0.01
C GLU A 16 -4.40 -2.30 1.51
N MET A 17 -5.23 -3.22 2.00
CA MET A 17 -5.45 -3.35 3.44
C MET A 17 -4.17 -3.75 4.15
N ALA A 18 -3.53 -4.80 3.65
CA ALA A 18 -2.28 -5.28 4.25
C ALA A 18 -1.26 -4.15 4.39
N LEU A 19 -1.22 -3.28 3.40
CA LEU A 19 -0.29 -2.15 3.41
C LEU A 19 -0.55 -1.25 4.61
N LEU A 20 -1.81 -0.86 4.79
CA LEU A 20 -2.19 0.01 5.90
C LEU A 20 -1.90 -0.66 7.24
N GLU A 21 -2.21 -1.96 7.33
CA GLU A 21 -1.98 -2.71 8.55
C GLU A 21 -0.49 -2.79 8.86
N ALA A 22 0.31 -3.15 7.86
CA ALA A 22 1.75 -3.27 8.03
C ALA A 22 2.38 -1.92 8.34
N VAL A 23 2.04 -0.92 7.54
CA VAL A 23 2.57 0.43 7.74
C VAL A 23 2.27 0.94 9.14
N MET A 24 1.00 0.83 9.55
CA MET A 24 0.58 1.27 10.86
C MET A 24 1.29 0.48 11.96
N ASP A 25 1.54 -0.79 11.69
CA ASP A 25 2.21 -1.66 12.66
C ASP A 25 3.67 -1.23 12.85
N CYS A 26 4.41 -1.16 11.75
CA CYS A 26 5.81 -0.76 11.79
C CYS A 26 5.96 0.75 11.67
N GLY A 27 5.49 1.29 10.55
CA GLY A 27 5.59 2.73 10.33
C GLY A 27 5.92 3.07 8.90
N PHE A 28 6.47 4.27 8.69
CA PHE A 28 6.83 4.72 7.35
C PHE A 28 8.34 4.61 7.14
N GLY A 29 8.73 3.82 6.15
CA GLY A 29 10.15 3.65 5.86
C GLY A 29 10.61 2.21 6.04
N ASN A 30 9.89 1.47 6.88
CA ASN A 30 10.23 0.07 7.14
C ASN A 30 9.73 -0.83 6.01
N TRP A 31 9.96 -0.40 4.78
CA TRP A 31 9.52 -1.17 3.61
C TRP A 31 9.83 -2.65 3.80
N GLN A 32 10.93 -2.94 4.48
CA GLN A 32 11.33 -4.32 4.72
C GLN A 32 10.32 -5.04 5.60
N ASP A 33 10.17 -4.56 6.83
CA ASP A 33 9.22 -5.16 7.77
C ASP A 33 7.82 -5.23 7.17
N VAL A 34 7.43 -4.17 6.45
CA VAL A 34 6.12 -4.12 5.82
C VAL A 34 5.96 -5.21 4.78
N ALA A 35 7.05 -5.47 4.04
CA ALA A 35 7.04 -6.50 3.01
C ALA A 35 6.51 -7.83 3.55
N ASN A 36 6.53 -7.95 4.87
CA ASN A 36 6.06 -9.18 5.52
C ASN A 36 4.68 -9.59 5.00
N GLN A 37 3.71 -8.72 5.19
CA GLN A 37 2.35 -8.99 4.74
C GLN A 37 2.15 -8.53 3.30
N MET A 38 3.05 -7.67 2.83
CA MET A 38 2.98 -7.15 1.47
C MET A 38 3.79 -8.03 0.51
N CYS A 39 4.45 -9.04 1.07
CA CYS A 39 5.26 -9.95 0.27
C CYS A 39 4.67 -10.12 -1.13
N THR A 40 3.35 -10.00 -1.23
CA THR A 40 2.67 -10.14 -2.51
C THR A 40 3.34 -9.30 -3.59
N LYS A 41 4.20 -8.37 -3.16
CA LYS A 41 4.90 -7.50 -4.10
C LYS A 41 6.30 -7.17 -3.57
N THR A 42 7.01 -6.31 -4.28
CA THR A 42 8.35 -5.90 -3.89
C THR A 42 8.31 -4.69 -2.97
N LYS A 43 9.08 -4.75 -1.88
CA LYS A 43 9.13 -3.67 -0.92
C LYS A 43 9.15 -2.32 -1.63
N GLU A 44 9.73 -2.29 -2.82
CA GLU A 44 9.81 -1.06 -3.60
C GLU A 44 8.42 -0.60 -4.05
N GLU A 45 7.60 -1.56 -4.49
CA GLU A 45 6.25 -1.26 -4.94
C GLU A 45 5.36 -0.85 -3.76
N CYS A 46 5.61 -1.45 -2.61
CA CYS A 46 4.83 -1.16 -1.40
C CYS A 46 4.96 0.32 -1.02
N GLU A 47 6.10 0.91 -1.37
CA GLU A 47 6.35 2.31 -1.06
C GLU A 47 5.59 3.23 -2.01
N LYS A 48 5.95 3.18 -3.28
CA LYS A 48 5.30 4.01 -4.29
C LYS A 48 3.77 3.92 -4.17
N HIS A 49 3.23 2.72 -4.39
CA HIS A 49 1.79 2.52 -4.30
C HIS A 49 1.21 3.24 -3.09
N TYR A 50 1.92 3.18 -1.97
CA TYR A 50 1.48 3.83 -0.74
C TYR A 50 1.47 5.35 -0.90
N MET A 51 2.64 5.91 -1.22
CA MET A 51 2.76 7.35 -1.40
C MET A 51 1.94 7.82 -2.61
N LYS A 52 1.46 6.86 -3.40
CA LYS A 52 0.66 7.18 -4.58
C LYS A 52 -0.74 7.65 -4.18
N TYR A 53 -1.41 6.84 -3.36
CA TYR A 53 -2.76 7.18 -2.92
C TYR A 53 -2.74 7.68 -1.47
N PHE A 54 -2.37 6.81 -0.54
CA PHE A 54 -2.30 7.17 0.86
C PHE A 54 -1.62 8.51 1.06
N SER A 55 -0.29 8.51 0.92
CA SER A 55 0.50 9.74 1.08
C SER A 55 0.82 10.36 -0.28
N GLY A 56 -0.20 10.53 -1.10
CA GLY A 56 -0.01 11.11 -2.42
C GLY A 56 -0.72 12.44 -2.57
N PRO A 57 0.04 13.49 -2.94
CA PRO A 57 -0.50 14.83 -3.12
C PRO A 57 -1.40 14.94 -4.35
N SER A 58 -1.51 13.83 -5.09
CA SER A 58 -2.33 13.80 -6.29
C SER A 58 -3.53 12.88 -6.10
N SER A 59 -4.40 12.84 -7.10
CA SER A 59 -5.60 12.00 -7.04
C SER A 59 -5.27 10.64 -6.43
N GLY A 60 -4.29 9.96 -7.01
CA GLY A 60 -3.90 8.65 -6.51
C GLY A 60 -2.84 7.98 -7.36
N GLY A 1 -11.06 6.84 4.25
CA GLY A 1 -12.34 6.18 4.01
C GLY A 1 -12.42 5.56 2.64
N SER A 2 -13.62 5.16 2.23
CA SER A 2 -13.83 4.54 0.93
C SER A 2 -14.03 5.59 -0.16
N SER A 3 -12.92 6.03 -0.76
CA SER A 3 -12.97 7.04 -1.80
C SER A 3 -12.96 6.39 -3.18
N GLY A 4 -14.14 6.30 -3.80
CA GLY A 4 -14.24 5.70 -5.12
C GLY A 4 -14.40 4.19 -5.06
N SER A 5 -15.57 3.71 -5.45
CA SER A 5 -15.86 2.27 -5.44
C SER A 5 -15.24 1.59 -6.64
N SER A 6 -13.98 1.19 -6.51
CA SER A 6 -13.27 0.52 -7.60
C SER A 6 -11.91 0.01 -7.13
N GLY A 7 -11.31 -0.86 -7.92
CA GLY A 7 -10.01 -1.42 -7.57
C GLY A 7 -9.02 -1.34 -8.71
N ASP A 8 -7.78 -1.75 -8.45
CA ASP A 8 -6.74 -1.74 -9.47
C ASP A 8 -6.43 -3.15 -9.96
N PRO A 9 -6.20 -3.28 -11.28
CA PRO A 9 -5.90 -4.57 -11.90
C PRO A 9 -4.51 -5.09 -11.51
N SER A 10 -3.58 -4.16 -11.28
CA SER A 10 -2.22 -4.53 -10.91
C SER A 10 -2.17 -4.99 -9.45
N TRP A 11 -2.77 -4.21 -8.56
CA TRP A 11 -2.80 -4.54 -7.15
C TRP A 11 -4.12 -5.18 -6.75
N THR A 12 -4.21 -5.63 -5.50
CA THR A 12 -5.42 -6.27 -5.01
C THR A 12 -5.88 -5.63 -3.70
N ALA A 13 -7.19 -5.68 -3.45
CA ALA A 13 -7.75 -5.11 -2.24
C ALA A 13 -6.97 -5.54 -1.00
N GLN A 14 -6.53 -6.80 -1.00
CA GLN A 14 -5.78 -7.35 0.12
C GLN A 14 -4.48 -6.56 0.33
N GLU A 15 -3.82 -6.22 -0.78
CA GLU A 15 -2.57 -5.47 -0.71
C GLU A 15 -2.79 -4.10 -0.07
N GLU A 16 -3.85 -3.41 -0.50
CA GLU A 16 -4.16 -2.09 0.03
C GLU A 16 -4.26 -2.12 1.56
N MET A 17 -5.15 -2.97 2.07
CA MET A 17 -5.35 -3.09 3.51
C MET A 17 -4.09 -3.67 4.17
N ALA A 18 -3.48 -4.66 3.53
CA ALA A 18 -2.28 -5.28 4.04
C ALA A 18 -1.15 -4.28 4.19
N LEU A 19 -1.15 -3.26 3.34
CA LEU A 19 -0.12 -2.23 3.36
C LEU A 19 -0.35 -1.26 4.52
N LEU A 20 -1.62 -0.95 4.77
CA LEU A 20 -1.97 -0.04 5.85
C LEU A 20 -1.65 -0.65 7.21
N GLU A 21 -2.25 -1.81 7.49
CA GLU A 21 -2.03 -2.49 8.76
C GLU A 21 -0.54 -2.64 9.05
N ALA A 22 0.21 -3.12 8.06
CA ALA A 22 1.65 -3.29 8.20
C ALA A 22 2.35 -1.95 8.39
N VAL A 23 1.95 -0.96 7.60
CA VAL A 23 2.54 0.37 7.69
C VAL A 23 2.30 0.99 9.06
N MET A 24 1.20 0.61 9.70
CA MET A 24 0.85 1.13 11.01
C MET A 24 1.33 0.18 12.11
N ASP A 25 1.58 -1.08 11.74
CA ASP A 25 2.02 -2.08 12.69
C ASP A 25 3.54 -2.06 12.82
N CYS A 26 4.21 -1.59 11.77
CA CYS A 26 5.66 -1.52 11.76
C CYS A 26 6.14 -0.08 11.78
N GLY A 27 5.84 0.66 10.72
CA GLY A 27 6.25 2.05 10.64
C GLY A 27 6.70 2.45 9.26
N PHE A 28 6.65 3.75 8.96
CA PHE A 28 7.05 4.25 7.66
C PHE A 28 8.55 4.04 7.44
N GLY A 29 8.93 3.83 6.18
CA GLY A 29 10.33 3.63 5.86
C GLY A 29 10.76 2.18 6.03
N ASN A 30 10.04 1.46 6.88
CA ASN A 30 10.35 0.06 7.14
C ASN A 30 9.82 -0.84 6.03
N TRP A 31 10.04 -0.42 4.79
CA TRP A 31 9.59 -1.17 3.63
C TRP A 31 9.89 -2.66 3.80
N GLN A 32 11.00 -2.96 4.48
CA GLN A 32 11.41 -4.34 4.71
C GLN A 32 10.41 -5.06 5.61
N ASP A 33 10.19 -4.49 6.80
CA ASP A 33 9.25 -5.07 7.76
C ASP A 33 7.85 -5.18 7.16
N VAL A 34 7.41 -4.11 6.50
CA VAL A 34 6.09 -4.08 5.88
C VAL A 34 5.96 -5.18 4.83
N ALA A 35 7.04 -5.41 4.10
CA ALA A 35 7.05 -6.43 3.05
C ALA A 35 6.56 -7.77 3.59
N ASN A 36 6.56 -7.90 4.91
CA ASN A 36 6.12 -9.14 5.55
C ASN A 36 4.75 -9.56 5.04
N GLN A 37 3.75 -8.72 5.26
CA GLN A 37 2.39 -9.01 4.81
C GLN A 37 2.19 -8.57 3.36
N MET A 38 3.08 -7.70 2.88
CA MET A 38 2.99 -7.19 1.52
C MET A 38 3.83 -8.05 0.57
N CYS A 39 4.51 -9.05 1.12
CA CYS A 39 5.35 -9.94 0.33
C CYS A 39 4.77 -10.12 -1.07
N THR A 40 3.45 -10.05 -1.17
CA THR A 40 2.77 -10.21 -2.45
C THR A 40 3.44 -9.36 -3.53
N LYS A 41 4.27 -8.41 -3.11
CA LYS A 41 4.97 -7.53 -4.05
C LYS A 41 6.36 -7.19 -3.52
N THR A 42 7.04 -6.31 -4.24
CA THR A 42 8.39 -5.88 -3.85
C THR A 42 8.34 -4.67 -2.94
N LYS A 43 9.10 -4.72 -1.85
CA LYS A 43 9.14 -3.61 -0.90
C LYS A 43 9.12 -2.27 -1.61
N GLU A 44 9.78 -2.22 -2.77
CA GLU A 44 9.83 -0.98 -3.56
C GLU A 44 8.44 -0.56 -3.99
N GLU A 45 7.64 -1.53 -4.45
CA GLU A 45 6.28 -1.25 -4.90
C GLU A 45 5.41 -0.80 -3.73
N CYS A 46 5.64 -1.39 -2.56
CA CYS A 46 4.87 -1.05 -1.37
C CYS A 46 4.97 0.43 -1.06
N GLU A 47 6.13 1.02 -1.35
CA GLU A 47 6.36 2.43 -1.09
C GLU A 47 5.56 3.30 -2.06
N LYS A 48 5.90 3.22 -3.33
CA LYS A 48 5.21 3.99 -4.36
C LYS A 48 3.70 3.84 -4.23
N HIS A 49 3.24 2.60 -4.20
CA HIS A 49 1.82 2.32 -4.08
C HIS A 49 1.21 3.09 -2.91
N TYR A 50 1.91 3.11 -1.78
CA TYR A 50 1.44 3.81 -0.60
C TYR A 50 1.34 5.31 -0.86
N MET A 51 2.46 5.92 -1.26
CA MET A 51 2.49 7.34 -1.54
C MET A 51 1.69 7.67 -2.79
N LYS A 52 1.32 6.64 -3.54
CA LYS A 52 0.55 6.82 -4.76
C LYS A 52 -0.89 7.24 -4.45
N TYR A 53 -1.54 6.45 -3.61
CA TYR A 53 -2.92 6.73 -3.23
C TYR A 53 -2.98 7.51 -1.92
N PHE A 54 -2.54 6.86 -0.84
CA PHE A 54 -2.53 7.49 0.48
C PHE A 54 -1.94 8.89 0.41
N SER A 55 -0.61 8.96 0.28
CA SER A 55 0.08 10.24 0.20
C SER A 55 0.28 10.67 -1.24
N GLY A 56 -0.78 10.57 -2.03
CA GLY A 56 -0.70 10.96 -3.43
C GLY A 56 -2.06 10.98 -4.11
N PRO A 57 -2.08 11.43 -5.37
CA PRO A 57 -3.32 11.52 -6.15
C PRO A 57 -3.85 10.14 -6.54
N SER A 58 -5.09 9.85 -6.14
CA SER A 58 -5.70 8.56 -6.44
C SER A 58 -5.92 8.40 -7.95
N SER A 59 -5.35 7.32 -8.50
CA SER A 59 -5.47 7.06 -9.93
C SER A 59 -6.93 6.93 -10.34
N GLY A 60 -7.37 7.81 -11.22
CA GLY A 60 -8.75 7.78 -11.68
C GLY A 60 -9.14 9.03 -12.44
N GLY A 1 -19.75 5.31 3.87
CA GLY A 1 -18.29 5.27 3.89
C GLY A 1 -17.67 6.22 2.88
N SER A 2 -16.53 6.80 3.25
CA SER A 2 -15.84 7.74 2.38
C SER A 2 -14.52 7.14 1.89
N SER A 3 -13.82 6.46 2.78
CA SER A 3 -12.54 5.85 2.43
C SER A 3 -12.75 4.50 1.76
N GLY A 4 -13.68 4.45 0.81
CA GLY A 4 -13.96 3.22 0.11
C GLY A 4 -12.78 2.74 -0.71
N SER A 5 -12.56 1.42 -0.71
CA SER A 5 -11.45 0.83 -1.45
C SER A 5 -11.79 0.72 -2.93
N SER A 6 -10.79 0.91 -3.78
CA SER A 6 -10.98 0.83 -5.22
C SER A 6 -10.23 -0.36 -5.81
N GLY A 7 -10.98 -1.40 -6.17
CA GLY A 7 -10.36 -2.59 -6.73
C GLY A 7 -9.41 -2.27 -7.87
N ASP A 8 -8.11 -2.34 -7.59
CA ASP A 8 -7.10 -2.06 -8.59
C ASP A 8 -6.87 -3.26 -9.50
N PRO A 9 -6.47 -3.00 -10.75
CA PRO A 9 -6.21 -4.05 -11.73
C PRO A 9 -4.95 -4.85 -11.41
N SER A 10 -3.87 -4.14 -11.08
CA SER A 10 -2.61 -4.77 -10.75
C SER A 10 -2.60 -5.24 -9.30
N TRP A 11 -2.98 -4.35 -8.39
CA TRP A 11 -3.02 -4.68 -6.96
C TRP A 11 -4.37 -5.26 -6.58
N THR A 12 -4.46 -5.76 -5.35
CA THR A 12 -5.70 -6.35 -4.85
C THR A 12 -6.13 -5.69 -3.56
N ALA A 13 -7.40 -5.87 -3.21
CA ALA A 13 -7.95 -5.30 -1.98
C ALA A 13 -7.11 -5.70 -0.76
N GLN A 14 -6.68 -6.96 -0.75
CA GLN A 14 -5.88 -7.47 0.36
C GLN A 14 -4.58 -6.68 0.50
N GLU A 15 -3.94 -6.41 -0.63
CA GLU A 15 -2.68 -5.66 -0.63
C GLU A 15 -2.87 -4.28 -0.03
N GLU A 16 -3.96 -3.61 -0.43
CA GLU A 16 -4.26 -2.27 0.07
C GLU A 16 -4.36 -2.27 1.59
N MET A 17 -5.29 -3.07 2.11
CA MET A 17 -5.50 -3.15 3.56
C MET A 17 -4.24 -3.65 4.26
N ALA A 18 -3.59 -4.65 3.67
CA ALA A 18 -2.37 -5.21 4.24
C ALA A 18 -1.28 -4.15 4.34
N LEU A 19 -1.15 -3.34 3.30
CA LEU A 19 -0.14 -2.28 3.27
C LEU A 19 -0.34 -1.31 4.43
N LEU A 20 -1.59 -0.95 4.68
CA LEU A 20 -1.92 -0.02 5.75
C LEU A 20 -1.65 -0.66 7.11
N GLU A 21 -2.18 -1.86 7.32
CA GLU A 21 -1.98 -2.56 8.58
C GLU A 21 -0.50 -2.80 8.85
N ALA A 22 0.23 -3.18 7.81
CA ALA A 22 1.66 -3.43 7.94
C ALA A 22 2.42 -2.15 8.28
N VAL A 23 2.00 -1.05 7.67
CA VAL A 23 2.64 0.25 7.91
C VAL A 23 2.40 0.73 9.33
N MET A 24 1.14 0.66 9.77
CA MET A 24 0.78 1.08 11.12
C MET A 24 1.44 0.19 12.17
N ASP A 25 1.47 -1.11 11.91
CA ASP A 25 2.07 -2.06 12.83
C ASP A 25 3.54 -1.73 13.06
N CYS A 26 4.31 -1.68 11.96
CA CYS A 26 5.73 -1.38 12.04
C CYS A 26 5.98 0.12 12.00
N GLY A 27 5.66 0.74 10.88
CA GLY A 27 5.86 2.18 10.73
C GLY A 27 6.28 2.57 9.33
N PHE A 28 6.42 3.87 9.10
CA PHE A 28 6.82 4.38 7.79
C PHE A 28 8.33 4.21 7.58
N GLY A 29 8.72 3.95 6.34
CA GLY A 29 10.13 3.79 6.03
C GLY A 29 10.59 2.36 6.19
N ASN A 30 9.87 1.60 7.02
CA ASN A 30 10.22 0.20 7.26
C ASN A 30 9.72 -0.69 6.13
N TRP A 31 9.92 -0.24 4.90
CA TRP A 31 9.48 -1.00 3.73
C TRP A 31 9.81 -2.49 3.89
N GLN A 32 10.92 -2.77 4.55
CA GLN A 32 11.35 -4.14 4.78
C GLN A 32 10.33 -4.90 5.62
N ASP A 33 10.08 -4.39 6.83
CA ASP A 33 9.12 -5.02 7.74
C ASP A 33 7.75 -5.13 7.09
N VAL A 34 7.33 -4.07 6.41
CA VAL A 34 6.03 -4.05 5.74
C VAL A 34 5.94 -5.16 4.69
N ALA A 35 7.05 -5.41 4.01
CA ALA A 35 7.10 -6.44 2.98
C ALA A 35 6.61 -7.78 3.52
N ASN A 36 6.55 -7.88 4.85
CA ASN A 36 6.10 -9.12 5.49
C ASN A 36 4.75 -9.56 4.94
N GLN A 37 3.73 -8.71 5.14
CA GLN A 37 2.39 -9.02 4.68
C GLN A 37 2.21 -8.58 3.23
N MET A 38 3.10 -7.71 2.76
CA MET A 38 3.04 -7.21 1.39
C MET A 38 3.92 -8.05 0.47
N CYS A 39 4.61 -9.03 1.04
CA CYS A 39 5.48 -9.90 0.27
C CYS A 39 4.94 -10.10 -1.14
N THR A 40 3.62 -10.08 -1.27
CA THR A 40 2.97 -10.26 -2.57
C THR A 40 3.61 -9.39 -3.63
N LYS A 41 4.40 -8.41 -3.19
CA LYS A 41 5.09 -7.50 -4.12
C LYS A 41 6.47 -7.14 -3.59
N THR A 42 7.14 -6.24 -4.30
CA THR A 42 8.48 -5.80 -3.91
C THR A 42 8.41 -4.60 -2.97
N LYS A 43 9.18 -4.65 -1.88
CA LYS A 43 9.21 -3.57 -0.91
C LYS A 43 9.19 -2.21 -1.61
N GLU A 44 9.82 -2.14 -2.77
CA GLU A 44 9.89 -0.90 -3.54
C GLU A 44 8.49 -0.49 -4.01
N GLU A 45 7.70 -1.46 -4.44
CA GLU A 45 6.34 -1.19 -4.91
C GLU A 45 5.44 -0.81 -3.75
N CYS A 46 5.67 -1.41 -2.59
CA CYS A 46 4.86 -1.13 -1.40
C CYS A 46 4.94 0.34 -1.03
N GLU A 47 6.08 0.97 -1.35
CA GLU A 47 6.27 2.38 -1.04
C GLU A 47 5.55 3.26 -2.05
N LYS A 48 5.97 3.20 -3.30
CA LYS A 48 5.36 4.00 -4.36
C LYS A 48 3.84 3.86 -4.34
N HIS A 49 3.36 2.62 -4.27
CA HIS A 49 1.93 2.34 -4.24
C HIS A 49 1.27 3.08 -3.07
N TYR A 50 1.94 3.09 -1.93
CA TYR A 50 1.41 3.75 -0.74
C TYR A 50 1.34 5.27 -0.94
N MET A 51 2.50 5.87 -1.17
CA MET A 51 2.57 7.32 -1.38
C MET A 51 1.80 7.71 -2.64
N LYS A 52 1.55 6.75 -3.51
CA LYS A 52 0.83 7.00 -4.75
C LYS A 52 -0.57 7.51 -4.47
N TYR A 53 -1.38 6.69 -3.79
CA TYR A 53 -2.74 7.07 -3.46
C TYR A 53 -2.80 7.79 -2.11
N PHE A 54 -2.43 7.08 -1.05
CA PHE A 54 -2.44 7.65 0.29
C PHE A 54 -1.76 9.02 0.31
N SER A 55 -0.48 9.05 -0.03
CA SER A 55 0.29 10.28 -0.06
C SER A 55 0.26 10.91 -1.45
N GLY A 56 -0.93 10.93 -2.06
CA GLY A 56 -1.07 11.50 -3.39
C GLY A 56 -2.34 12.30 -3.54
N PRO A 57 -2.67 12.66 -4.79
CA PRO A 57 -3.88 13.44 -5.11
C PRO A 57 -5.15 12.63 -4.90
N SER A 58 -6.29 13.26 -5.17
CA SER A 58 -7.58 12.60 -5.01
C SER A 58 -8.16 12.21 -6.36
N SER A 59 -8.00 10.94 -6.72
CA SER A 59 -8.51 10.44 -7.99
C SER A 59 -9.69 9.50 -7.78
N GLY A 60 -10.52 9.35 -8.81
CA GLY A 60 -11.68 8.48 -8.71
C GLY A 60 -12.97 9.23 -8.92
N GLY A 1 -19.10 8.68 2.24
CA GLY A 1 -19.84 7.56 1.68
C GLY A 1 -19.06 6.85 0.59
N SER A 2 -18.44 5.73 0.96
CA SER A 2 -17.66 4.95 0.01
C SER A 2 -16.90 5.87 -0.95
N SER A 3 -16.33 6.94 -0.41
CA SER A 3 -15.57 7.90 -1.22
C SER A 3 -14.30 7.25 -1.77
N GLY A 4 -14.34 6.91 -3.06
CA GLY A 4 -13.18 6.29 -3.68
C GLY A 4 -13.47 4.89 -4.17
N SER A 5 -13.51 4.73 -5.50
CA SER A 5 -13.78 3.43 -6.10
C SER A 5 -12.70 3.06 -7.10
N SER A 6 -12.36 4.00 -7.98
CA SER A 6 -11.35 3.76 -9.00
C SER A 6 -10.18 2.97 -8.43
N GLY A 7 -10.05 1.72 -8.88
CA GLY A 7 -8.97 0.87 -8.40
C GLY A 7 -7.97 0.53 -9.48
N ASP A 8 -6.93 -0.21 -9.12
CA ASP A 8 -5.90 -0.60 -10.07
C ASP A 8 -5.91 -2.10 -10.31
N PRO A 9 -6.00 -2.51 -11.58
CA PRO A 9 -6.03 -3.92 -11.96
C PRO A 9 -4.69 -4.62 -11.73
N SER A 10 -3.72 -3.85 -11.22
CA SER A 10 -2.39 -4.41 -10.94
C SER A 10 -2.30 -4.92 -9.52
N TRP A 11 -2.85 -4.17 -8.57
CA TRP A 11 -2.82 -4.55 -7.17
C TRP A 11 -4.15 -5.19 -6.77
N THR A 12 -4.21 -5.68 -5.52
CA THR A 12 -5.41 -6.31 -5.01
C THR A 12 -5.87 -5.65 -3.71
N ALA A 13 -7.14 -5.82 -3.39
CA ALA A 13 -7.71 -5.24 -2.16
C ALA A 13 -6.89 -5.65 -0.95
N GLN A 14 -6.51 -6.93 -0.89
CA GLN A 14 -5.72 -7.45 0.23
C GLN A 14 -4.43 -6.65 0.39
N GLU A 15 -3.77 -6.35 -0.73
CA GLU A 15 -2.52 -5.61 -0.70
C GLU A 15 -2.72 -4.23 -0.07
N GLU A 16 -3.79 -3.55 -0.48
CA GLU A 16 -4.08 -2.22 0.05
C GLU A 16 -4.21 -2.25 1.57
N MET A 17 -5.16 -3.04 2.06
CA MET A 17 -5.39 -3.17 3.50
C MET A 17 -4.13 -3.68 4.20
N ALA A 18 -3.50 -4.69 3.62
CA ALA A 18 -2.29 -5.26 4.19
C ALA A 18 -1.20 -4.21 4.32
N LEU A 19 -1.08 -3.35 3.32
CA LEU A 19 -0.07 -2.30 3.33
C LEU A 19 -0.24 -1.39 4.54
N LEU A 20 -1.45 -0.86 4.71
CA LEU A 20 -1.74 0.02 5.84
C LEU A 20 -1.48 -0.68 7.16
N GLU A 21 -2.16 -1.80 7.37
CA GLU A 21 -2.00 -2.57 8.61
C GLU A 21 -0.53 -2.66 9.00
N ALA A 22 0.29 -3.16 8.09
CA ALA A 22 1.73 -3.29 8.35
C ALA A 22 2.37 -1.93 8.60
N VAL A 23 2.14 -1.00 7.68
CA VAL A 23 2.71 0.34 7.80
C VAL A 23 2.34 0.97 9.14
N MET A 24 1.27 0.48 9.74
CA MET A 24 0.81 1.00 11.03
C MET A 24 1.33 0.14 12.17
N ASP A 25 1.52 -1.15 11.90
CA ASP A 25 2.02 -2.08 12.91
C ASP A 25 3.51 -1.85 13.17
N CYS A 26 4.25 -1.55 12.11
CA CYS A 26 5.68 -1.31 12.23
C CYS A 26 5.99 0.19 12.13
N GLY A 27 5.68 0.77 10.98
CA GLY A 27 5.94 2.18 10.77
C GLY A 27 6.30 2.50 9.33
N PHE A 28 6.48 3.79 9.04
CA PHE A 28 6.84 4.23 7.70
C PHE A 28 8.34 4.07 7.46
N GLY A 29 8.72 3.88 6.20
CA GLY A 29 10.11 3.72 5.85
C GLY A 29 10.60 2.29 6.03
N ASN A 30 9.92 1.55 6.89
CA ASN A 30 10.30 0.16 7.15
C ASN A 30 9.75 -0.75 6.05
N TRP A 31 9.90 -0.32 4.80
CA TRP A 31 9.42 -1.10 3.66
C TRP A 31 9.74 -2.58 3.84
N GLN A 32 10.84 -2.87 4.54
CA GLN A 32 11.26 -4.24 4.79
C GLN A 32 10.25 -4.96 5.68
N ASP A 33 10.04 -4.42 6.88
CA ASP A 33 9.11 -5.01 7.83
C ASP A 33 7.72 -5.14 7.22
N VAL A 34 7.30 -4.10 6.49
CA VAL A 34 5.99 -4.10 5.85
C VAL A 34 5.89 -5.20 4.80
N ALA A 35 6.99 -5.42 4.09
CA ALA A 35 7.02 -6.46 3.05
C ALA A 35 6.54 -7.79 3.58
N ASN A 36 6.51 -7.91 4.90
CA ASN A 36 6.06 -9.15 5.54
C ASN A 36 4.71 -9.60 5.00
N GLN A 37 3.69 -8.76 5.19
CA GLN A 37 2.36 -9.06 4.72
C GLN A 37 2.17 -8.62 3.27
N MET A 38 3.07 -7.75 2.81
CA MET A 38 3.00 -7.24 1.45
C MET A 38 3.86 -8.09 0.51
N CYS A 39 4.54 -9.08 1.08
CA CYS A 39 5.41 -9.96 0.30
C CYS A 39 4.85 -10.15 -1.11
N THR A 40 3.54 -10.10 -1.24
CA THR A 40 2.87 -10.26 -2.52
C THR A 40 3.55 -9.41 -3.60
N LYS A 41 4.35 -8.45 -3.17
CA LYS A 41 5.05 -7.57 -4.09
C LYS A 41 6.43 -7.19 -3.55
N THR A 42 7.12 -6.31 -4.26
CA THR A 42 8.44 -5.86 -3.84
C THR A 42 8.36 -4.65 -2.92
N LYS A 43 9.12 -4.69 -1.83
CA LYS A 43 9.13 -3.59 -0.87
C LYS A 43 9.09 -2.25 -1.57
N GLU A 44 9.78 -2.16 -2.71
CA GLU A 44 9.84 -0.93 -3.48
C GLU A 44 8.44 -0.53 -3.98
N GLU A 45 7.70 -1.52 -4.48
CA GLU A 45 6.35 -1.28 -4.98
C GLU A 45 5.41 -0.90 -3.85
N CYS A 46 5.66 -1.46 -2.67
CA CYS A 46 4.83 -1.18 -1.50
C CYS A 46 4.89 0.30 -1.13
N GLU A 47 6.01 0.93 -1.44
CA GLU A 47 6.19 2.36 -1.13
C GLU A 47 5.43 3.23 -2.13
N LYS A 48 5.83 3.17 -3.39
CA LYS A 48 5.19 3.95 -4.43
C LYS A 48 3.67 3.86 -4.32
N HIS A 49 3.15 2.64 -4.43
CA HIS A 49 1.71 2.41 -4.34
C HIS A 49 1.12 3.18 -3.16
N TYR A 50 1.79 3.11 -2.01
CA TYR A 50 1.33 3.79 -0.82
C TYR A 50 1.32 5.30 -1.01
N MET A 51 2.49 5.86 -1.30
CA MET A 51 2.64 7.30 -1.51
C MET A 51 1.82 7.74 -2.72
N LYS A 52 1.44 6.80 -3.56
CA LYS A 52 0.65 7.09 -4.75
C LYS A 52 -0.72 7.64 -4.37
N TYR A 53 -1.49 6.85 -3.64
CA TYR A 53 -2.82 7.26 -3.22
C TYR A 53 -2.77 7.96 -1.86
N PHE A 54 -2.37 7.20 -0.83
CA PHE A 54 -2.28 7.74 0.53
C PHE A 54 -1.59 9.10 0.52
N SER A 55 -0.32 9.11 0.10
CA SER A 55 0.46 10.35 0.06
C SER A 55 0.38 10.97 -1.33
N GLY A 56 -0.82 11.03 -1.89
CA GLY A 56 -1.01 11.62 -3.21
C GLY A 56 -2.16 12.60 -3.24
N PRO A 57 -2.69 12.85 -4.45
CA PRO A 57 -3.81 13.78 -4.65
C PRO A 57 -5.12 13.24 -4.08
N SER A 58 -5.58 13.87 -3.00
CA SER A 58 -6.83 13.45 -2.35
C SER A 58 -7.91 14.50 -2.53
N SER A 59 -9.15 14.04 -2.68
CA SER A 59 -10.28 14.95 -2.87
C SER A 59 -10.56 15.74 -1.59
N GLY A 60 -9.80 16.82 -1.40
CA GLY A 60 -9.98 17.65 -0.22
C GLY A 60 -8.69 18.32 0.21
N GLY A 1 -23.73 6.32 -5.79
CA GLY A 1 -22.93 7.48 -6.12
C GLY A 1 -21.50 7.10 -6.50
N SER A 2 -21.36 6.26 -7.52
CA SER A 2 -20.05 5.81 -7.97
C SER A 2 -20.09 5.43 -9.44
N SER A 3 -18.90 5.35 -10.05
CA SER A 3 -18.80 4.99 -11.46
C SER A 3 -18.14 3.63 -11.63
N GLY A 4 -18.53 2.68 -10.78
CA GLY A 4 -17.97 1.34 -10.84
C GLY A 4 -16.73 1.20 -10.00
N SER A 5 -16.06 0.05 -10.12
CA SER A 5 -14.85 -0.23 -9.35
C SER A 5 -13.62 0.34 -10.06
N SER A 6 -13.01 1.34 -9.44
CA SER A 6 -11.82 1.98 -10.01
C SER A 6 -10.59 1.70 -9.16
N GLY A 7 -10.49 0.47 -8.68
CA GLY A 7 -9.35 0.09 -7.86
C GLY A 7 -8.07 -0.06 -8.66
N ASP A 8 -7.50 -1.26 -8.66
CA ASP A 8 -6.27 -1.52 -9.39
C ASP A 8 -6.25 -2.94 -9.95
N PRO A 9 -5.88 -3.07 -11.23
CA PRO A 9 -5.81 -4.37 -11.90
C PRO A 9 -4.68 -5.25 -11.37
N SER A 10 -3.61 -4.61 -10.93
CA SER A 10 -2.45 -5.32 -10.41
C SER A 10 -2.64 -5.66 -8.93
N TRP A 11 -2.80 -4.62 -8.11
CA TRP A 11 -2.98 -4.80 -6.67
C TRP A 11 -4.41 -5.26 -6.37
N THR A 12 -4.60 -5.79 -5.17
CA THR A 12 -5.91 -6.27 -4.75
C THR A 12 -6.32 -5.67 -3.41
N ALA A 13 -7.61 -5.76 -3.10
CA ALA A 13 -8.13 -5.23 -1.84
C ALA A 13 -7.29 -5.70 -0.66
N GLN A 14 -6.88 -6.97 -0.71
CA GLN A 14 -6.08 -7.57 0.35
C GLN A 14 -4.75 -6.84 0.50
N GLU A 15 -4.05 -6.67 -0.62
CA GLU A 15 -2.76 -5.99 -0.62
C GLU A 15 -2.89 -4.58 -0.05
N GLU A 16 -3.94 -3.87 -0.46
CA GLU A 16 -4.17 -2.51 0.01
C GLU A 16 -4.26 -2.47 1.54
N MET A 17 -5.18 -3.26 2.08
CA MET A 17 -5.37 -3.32 3.53
C MET A 17 -4.09 -3.75 4.23
N ALA A 18 -3.47 -4.82 3.73
CA ALA A 18 -2.24 -5.33 4.31
C ALA A 18 -1.19 -4.23 4.43
N LEU A 19 -1.09 -3.40 3.40
CA LEU A 19 -0.12 -2.30 3.39
C LEU A 19 -0.35 -1.37 4.57
N LEU A 20 -1.58 -0.88 4.71
CA LEU A 20 -1.92 0.02 5.80
C LEU A 20 -1.65 -0.63 7.15
N GLU A 21 -2.27 -1.77 7.40
CA GLU A 21 -2.09 -2.49 8.65
C GLU A 21 -0.60 -2.69 8.95
N ALA A 22 0.18 -2.87 7.91
CA ALA A 22 1.62 -3.07 8.05
C ALA A 22 2.32 -1.75 8.37
N VAL A 23 1.94 -0.69 7.67
CA VAL A 23 2.54 0.62 7.88
C VAL A 23 2.13 1.19 9.24
N MET A 24 1.02 0.70 9.78
CA MET A 24 0.53 1.15 11.08
C MET A 24 1.01 0.24 12.19
N ASP A 25 1.42 -0.98 11.83
CA ASP A 25 1.90 -1.94 12.81
C ASP A 25 3.40 -1.79 13.03
N CYS A 26 4.12 -1.55 11.95
CA CYS A 26 5.57 -1.39 12.02
C CYS A 26 5.96 0.08 11.98
N GLY A 27 5.52 0.78 10.94
CA GLY A 27 5.83 2.18 10.79
C GLY A 27 6.29 2.54 9.40
N PHE A 28 6.15 3.81 9.04
CA PHE A 28 6.56 4.28 7.72
C PHE A 28 8.07 4.19 7.54
N GLY A 29 8.50 3.93 6.31
CA GLY A 29 9.92 3.83 6.04
C GLY A 29 10.43 2.40 6.18
N ASN A 30 9.75 1.61 7.01
CA ASN A 30 10.15 0.23 7.23
C ASN A 30 9.66 -0.67 6.10
N TRP A 31 9.82 -0.20 4.87
CA TRP A 31 9.39 -0.95 3.69
C TRP A 31 9.71 -2.44 3.87
N GLN A 32 10.87 -2.73 4.45
CA GLN A 32 11.30 -4.10 4.66
C GLN A 32 10.28 -4.86 5.51
N ASP A 33 10.10 -4.40 6.74
CA ASP A 33 9.15 -5.03 7.67
C ASP A 33 7.78 -5.19 7.01
N VAL A 34 7.31 -4.12 6.38
CA VAL A 34 6.02 -4.14 5.71
C VAL A 34 5.96 -5.22 4.65
N ALA A 35 7.06 -5.41 3.94
CA ALA A 35 7.14 -6.42 2.89
C ALA A 35 6.64 -7.77 3.39
N ASN A 36 6.60 -7.93 4.71
CA ASN A 36 6.15 -9.17 5.31
C ASN A 36 4.76 -9.56 4.78
N GLN A 37 3.78 -8.71 5.04
CA GLN A 37 2.42 -8.97 4.59
C GLN A 37 2.23 -8.52 3.14
N MET A 38 3.14 -7.66 2.67
CA MET A 38 3.07 -7.15 1.31
C MET A 38 3.91 -8.00 0.36
N CYS A 39 4.58 -9.01 0.92
CA CYS A 39 5.42 -9.90 0.13
C CYS A 39 4.86 -10.07 -1.27
N THR A 40 3.54 -9.97 -1.40
CA THR A 40 2.89 -10.13 -2.69
C THR A 40 3.57 -9.28 -3.75
N LYS A 41 4.39 -8.33 -3.31
CA LYS A 41 5.10 -7.45 -4.24
C LYS A 41 6.48 -7.10 -3.68
N THR A 42 7.19 -6.22 -4.39
CA THR A 42 8.52 -5.81 -3.97
C THR A 42 8.45 -4.60 -3.04
N LYS A 43 9.20 -4.66 -1.95
CA LYS A 43 9.23 -3.57 -0.98
C LYS A 43 9.23 -2.22 -1.67
N GLU A 44 9.84 -2.16 -2.86
CA GLU A 44 9.92 -0.93 -3.63
C GLU A 44 8.53 -0.49 -4.09
N GLU A 45 7.74 -1.47 -4.55
CA GLU A 45 6.39 -1.19 -5.03
C GLU A 45 5.46 -0.81 -3.87
N CYS A 46 5.70 -1.42 -2.71
CA CYS A 46 4.90 -1.15 -1.53
C CYS A 46 5.01 0.32 -1.12
N GLU A 47 6.15 0.92 -1.41
CA GLU A 47 6.40 2.32 -1.06
C GLU A 47 5.66 3.25 -2.02
N LYS A 48 6.01 3.18 -3.29
CA LYS A 48 5.39 4.02 -4.31
C LYS A 48 3.87 3.88 -4.27
N HIS A 49 3.39 2.64 -4.19
CA HIS A 49 1.96 2.37 -4.13
C HIS A 49 1.31 3.13 -2.97
N TYR A 50 1.96 3.11 -1.82
CA TYR A 50 1.45 3.79 -0.64
C TYR A 50 1.44 5.31 -0.84
N MET A 51 2.63 5.88 -1.05
CA MET A 51 2.77 7.31 -1.25
C MET A 51 2.08 7.73 -2.55
N LYS A 52 1.65 6.76 -3.34
CA LYS A 52 0.98 7.03 -4.60
C LYS A 52 -0.47 7.44 -4.38
N TYR A 53 -1.19 6.65 -3.58
CA TYR A 53 -2.59 6.93 -3.27
C TYR A 53 -2.73 7.51 -1.87
N PHE A 54 -2.41 6.70 -0.87
CA PHE A 54 -2.51 7.14 0.52
C PHE A 54 -1.96 8.55 0.69
N SER A 55 -0.67 8.72 0.43
CA SER A 55 -0.03 10.01 0.56
C SER A 55 -0.46 10.95 -0.57
N GLY A 56 -0.78 10.37 -1.72
CA GLY A 56 -1.21 11.16 -2.86
C GLY A 56 -0.16 11.21 -3.95
N PRO A 57 -0.62 11.21 -5.22
CA PRO A 57 0.26 11.25 -6.38
C PRO A 57 0.98 12.59 -6.52
N SER A 58 0.22 13.68 -6.35
CA SER A 58 0.78 15.03 -6.46
C SER A 58 2.21 15.05 -5.95
N SER A 59 3.03 15.93 -6.55
CA SER A 59 4.42 16.06 -6.16
C SER A 59 4.67 17.38 -5.44
N GLY A 60 4.63 17.33 -4.11
CA GLY A 60 4.84 18.54 -3.32
C GLY A 60 5.79 18.30 -2.16
N GLY A 1 -11.07 5.00 8.44
CA GLY A 1 -9.94 4.13 8.17
C GLY A 1 -10.21 3.19 7.01
N SER A 2 -10.64 1.98 7.33
CA SER A 2 -10.92 0.97 6.31
C SER A 2 -11.90 1.51 5.27
N SER A 3 -11.74 1.07 4.02
CA SER A 3 -12.60 1.52 2.94
C SER A 3 -12.41 0.65 1.70
N GLY A 4 -13.50 0.29 1.05
CA GLY A 4 -13.43 -0.53 -0.14
C GLY A 4 -13.76 0.25 -1.40
N SER A 5 -13.26 1.48 -1.47
CA SER A 5 -13.51 2.33 -2.63
C SER A 5 -12.33 2.28 -3.60
N SER A 6 -11.78 1.09 -3.80
CA SER A 6 -10.64 0.91 -4.70
C SER A 6 -10.77 -0.40 -5.48
N GLY A 7 -10.09 -0.46 -6.62
CA GLY A 7 -10.14 -1.65 -7.44
C GLY A 7 -9.20 -1.58 -8.62
N ASP A 8 -8.00 -2.10 -8.46
CA ASP A 8 -7.00 -2.09 -9.53
C ASP A 8 -6.70 -3.51 -10.01
N PRO A 9 -6.54 -3.67 -11.33
CA PRO A 9 -6.25 -4.97 -11.94
C PRO A 9 -4.84 -5.46 -11.61
N SER A 10 -3.95 -4.53 -11.28
CA SER A 10 -2.58 -4.87 -10.94
C SER A 10 -2.47 -5.29 -9.48
N TRP A 11 -3.05 -4.49 -8.59
CA TRP A 11 -3.02 -4.78 -7.16
C TRP A 11 -4.31 -5.45 -6.71
N THR A 12 -4.34 -5.87 -5.45
CA THR A 12 -5.52 -6.53 -4.89
C THR A 12 -5.96 -5.86 -3.61
N ALA A 13 -7.23 -6.02 -3.26
CA ALA A 13 -7.78 -5.43 -2.05
C ALA A 13 -6.94 -5.79 -0.84
N GLN A 14 -6.49 -7.05 -0.79
CA GLN A 14 -5.69 -7.53 0.33
C GLN A 14 -4.41 -6.71 0.46
N GLU A 15 -3.79 -6.40 -0.67
CA GLU A 15 -2.56 -5.61 -0.69
C GLU A 15 -2.78 -4.23 -0.07
N GLU A 16 -3.89 -3.61 -0.43
CA GLU A 16 -4.22 -2.28 0.09
C GLU A 16 -4.31 -2.30 1.61
N MET A 17 -5.24 -3.10 2.13
CA MET A 17 -5.43 -3.20 3.57
C MET A 17 -4.16 -3.69 4.25
N ALA A 18 -3.51 -4.69 3.66
CA ALA A 18 -2.28 -5.25 4.20
C ALA A 18 -1.20 -4.18 4.29
N LEU A 19 -1.15 -3.30 3.30
CA LEU A 19 -0.16 -2.23 3.27
C LEU A 19 -0.29 -1.32 4.48
N LEU A 20 -1.52 -0.91 4.76
CA LEU A 20 -1.79 -0.02 5.89
C LEU A 20 -1.46 -0.72 7.21
N GLU A 21 -2.09 -1.86 7.45
CA GLU A 21 -1.85 -2.63 8.66
C GLU A 21 -0.37 -2.67 9.01
N ALA A 22 0.45 -3.00 8.01
CA ALA A 22 1.90 -3.07 8.20
C ALA A 22 2.48 -1.70 8.48
N VAL A 23 1.93 -0.68 7.83
CA VAL A 23 2.40 0.69 8.01
C VAL A 23 2.06 1.21 9.41
N MET A 24 1.00 0.67 9.98
CA MET A 24 0.57 1.08 11.33
C MET A 24 1.12 0.14 12.39
N ASP A 25 1.38 -1.11 11.99
CA ASP A 25 1.93 -2.11 12.91
C ASP A 25 3.43 -1.94 13.07
N CYS A 26 4.11 -1.65 11.97
CA CYS A 26 5.55 -1.47 11.99
C CYS A 26 5.92 0.02 11.95
N GLY A 27 5.52 0.70 10.88
CA GLY A 27 5.82 2.11 10.76
C GLY A 27 6.25 2.48 9.35
N PHE A 28 6.52 3.76 9.15
CA PHE A 28 6.95 4.26 7.84
C PHE A 28 8.45 4.07 7.65
N GLY A 29 8.87 3.86 6.40
CA GLY A 29 10.27 3.66 6.11
C GLY A 29 10.70 2.22 6.27
N ASN A 30 9.95 1.46 7.06
CA ASN A 30 10.26 0.06 7.30
C ASN A 30 9.74 -0.82 6.16
N TRP A 31 9.88 -0.32 4.94
CA TRP A 31 9.43 -1.06 3.75
C TRP A 31 9.78 -2.54 3.88
N GLN A 32 10.89 -2.84 4.54
CA GLN A 32 11.32 -4.21 4.73
C GLN A 32 10.32 -5.00 5.59
N ASP A 33 10.10 -4.51 6.81
CA ASP A 33 9.18 -5.17 7.72
C ASP A 33 7.79 -5.27 7.10
N VAL A 34 7.36 -4.20 6.45
CA VAL A 34 6.05 -4.17 5.80
C VAL A 34 5.93 -5.24 4.73
N ALA A 35 7.02 -5.46 4.00
CA ALA A 35 7.05 -6.46 2.94
C ALA A 35 6.56 -7.81 3.46
N ASN A 36 6.53 -7.96 4.78
CA ASN A 36 6.09 -9.22 5.40
C ASN A 36 4.73 -9.62 4.87
N GLN A 37 3.72 -8.78 5.09
CA GLN A 37 2.37 -9.05 4.64
C GLN A 37 2.18 -8.58 3.20
N MET A 38 3.07 -7.73 2.73
CA MET A 38 3.00 -7.21 1.37
C MET A 38 3.84 -8.06 0.41
N CYS A 39 4.52 -9.05 0.96
CA CYS A 39 5.36 -9.94 0.17
C CYS A 39 4.80 -10.11 -1.24
N THR A 40 3.47 -10.03 -1.34
CA THR A 40 2.80 -10.17 -2.63
C THR A 40 3.48 -9.33 -3.71
N LYS A 41 4.29 -8.38 -3.27
CA LYS A 41 5.00 -7.50 -4.19
C LYS A 41 6.38 -7.13 -3.66
N THR A 42 7.07 -6.24 -4.36
CA THR A 42 8.40 -5.81 -3.95
C THR A 42 8.32 -4.60 -3.01
N LYS A 43 9.08 -4.66 -1.92
CA LYS A 43 9.10 -3.58 -0.96
C LYS A 43 9.07 -2.22 -1.65
N GLU A 44 9.67 -2.15 -2.83
CA GLU A 44 9.72 -0.92 -3.60
C GLU A 44 8.32 -0.51 -4.06
N GLU A 45 7.55 -1.49 -4.52
CA GLU A 45 6.19 -1.23 -4.98
C GLU A 45 5.27 -0.85 -3.82
N CYS A 46 5.52 -1.46 -2.66
CA CYS A 46 4.71 -1.19 -1.48
C CYS A 46 4.85 0.26 -1.05
N GLU A 47 6.00 0.86 -1.33
CA GLU A 47 6.26 2.24 -0.98
C GLU A 47 5.58 3.19 -1.95
N LYS A 48 6.03 3.17 -3.21
CA LYS A 48 5.47 4.03 -4.25
C LYS A 48 3.95 3.96 -4.24
N HIS A 49 3.42 2.76 -4.48
CA HIS A 49 1.98 2.56 -4.51
C HIS A 49 1.31 3.26 -3.33
N TYR A 50 1.91 3.13 -2.15
CA TYR A 50 1.39 3.75 -0.95
C TYR A 50 1.37 5.27 -1.06
N MET A 51 2.54 5.84 -1.30
CA MET A 51 2.67 7.29 -1.43
C MET A 51 1.98 7.78 -2.70
N LYS A 52 1.48 6.83 -3.50
CA LYS A 52 0.80 7.17 -4.75
C LYS A 52 -0.64 7.60 -4.47
N TYR A 53 -1.36 6.77 -3.72
CA TYR A 53 -2.75 7.06 -3.39
C TYR A 53 -2.86 7.71 -2.01
N PHE A 54 -2.51 6.95 -0.98
CA PHE A 54 -2.57 7.45 0.40
C PHE A 54 -2.12 8.91 0.45
N SER A 55 -0.82 9.13 0.35
CA SER A 55 -0.26 10.48 0.40
C SER A 55 -0.63 11.27 -0.86
N GLY A 56 -1.02 10.55 -1.91
CA GLY A 56 -1.38 11.20 -3.15
C GLY A 56 -2.49 12.22 -2.96
N PRO A 57 -2.12 13.51 -3.09
CA PRO A 57 -3.08 14.62 -2.94
C PRO A 57 -4.08 14.68 -4.09
N SER A 58 -5.32 15.03 -3.77
CA SER A 58 -6.38 15.13 -4.77
C SER A 58 -5.92 15.97 -5.96
N SER A 59 -5.32 17.12 -5.67
CA SER A 59 -4.83 18.02 -6.70
C SER A 59 -3.83 17.32 -7.60
N GLY A 60 -3.85 17.65 -8.89
CA GLY A 60 -2.93 17.05 -9.84
C GLY A 60 -2.63 15.60 -9.51
N GLY A 1 -9.03 13.02 -9.85
CA GLY A 1 -9.59 12.59 -8.58
C GLY A 1 -11.10 12.48 -8.63
N SER A 2 -11.62 11.90 -9.70
CA SER A 2 -13.06 11.74 -9.87
C SER A 2 -13.52 10.37 -9.37
N SER A 3 -12.81 9.33 -9.77
CA SER A 3 -13.14 7.97 -9.37
C SER A 3 -13.00 7.81 -7.85
N GLY A 4 -13.59 6.74 -7.33
CA GLY A 4 -13.52 6.48 -5.90
C GLY A 4 -12.24 5.78 -5.49
N SER A 5 -11.12 6.18 -6.10
CA SER A 5 -9.82 5.58 -5.80
C SER A 5 -9.87 4.07 -6.00
N SER A 6 -10.52 3.65 -7.08
CA SER A 6 -10.65 2.22 -7.39
C SER A 6 -10.37 1.97 -8.87
N GLY A 7 -9.23 1.34 -9.15
CA GLY A 7 -8.87 1.05 -10.52
C GLY A 7 -7.48 0.46 -10.65
N ASP A 8 -7.12 -0.42 -9.71
CA ASP A 8 -5.82 -1.05 -9.72
C ASP A 8 -5.91 -2.49 -10.22
N PRO A 9 -5.65 -2.67 -11.53
CA PRO A 9 -5.70 -3.99 -12.17
C PRO A 9 -4.56 -4.90 -11.71
N SER A 10 -3.45 -4.29 -11.31
CA SER A 10 -2.28 -5.04 -10.86
C SER A 10 -2.40 -5.38 -9.38
N TRP A 11 -2.67 -4.38 -8.56
CA TRP A 11 -2.81 -4.57 -7.13
C TRP A 11 -4.20 -5.09 -6.78
N THR A 12 -4.36 -5.57 -5.55
CA THR A 12 -5.64 -6.09 -5.09
C THR A 12 -6.05 -5.45 -3.77
N ALA A 13 -7.34 -5.57 -3.43
CA ALA A 13 -7.86 -5.01 -2.20
C ALA A 13 -7.09 -5.50 -0.99
N GLN A 14 -6.75 -6.79 -1.00
CA GLN A 14 -6.01 -7.40 0.10
C GLN A 14 -4.68 -6.69 0.31
N GLU A 15 -4.00 -6.38 -0.80
CA GLU A 15 -2.71 -5.71 -0.74
C GLU A 15 -2.84 -4.33 -0.11
N GLU A 16 -3.92 -3.62 -0.47
CA GLU A 16 -4.16 -2.29 0.06
C GLU A 16 -4.27 -2.32 1.58
N MET A 17 -5.18 -3.13 2.09
CA MET A 17 -5.38 -3.25 3.53
C MET A 17 -4.10 -3.70 4.22
N ALA A 18 -3.53 -4.81 3.74
CA ALA A 18 -2.31 -5.34 4.31
C ALA A 18 -1.24 -4.27 4.43
N LEU A 19 -1.13 -3.43 3.40
CA LEU A 19 -0.15 -2.35 3.40
C LEU A 19 -0.36 -1.41 4.58
N LEU A 20 -1.60 -1.00 4.80
CA LEU A 20 -1.93 -0.10 5.90
C LEU A 20 -1.67 -0.78 7.24
N GLU A 21 -2.19 -1.99 7.40
CA GLU A 21 -2.01 -2.74 8.64
C GLU A 21 -0.52 -2.88 8.98
N ALA A 22 0.29 -3.11 7.95
CA ALA A 22 1.73 -3.27 8.14
C ALA A 22 2.39 -1.94 8.41
N VAL A 23 2.05 -0.94 7.61
CA VAL A 23 2.62 0.41 7.76
C VAL A 23 2.27 0.99 9.12
N MET A 24 1.19 0.49 9.72
CA MET A 24 0.74 0.97 11.02
C MET A 24 1.27 0.08 12.14
N ASP A 25 1.52 -1.18 11.81
CA ASP A 25 2.04 -2.13 12.80
C ASP A 25 3.54 -1.95 12.99
N CYS A 26 4.24 -1.63 11.91
CA CYS A 26 5.69 -1.43 11.97
C CYS A 26 6.02 0.06 11.95
N GLY A 27 5.73 0.71 10.83
CA GLY A 27 6.02 2.13 10.70
C GLY A 27 6.42 2.51 9.29
N PHE A 28 6.38 3.82 9.00
CA PHE A 28 6.75 4.31 7.69
C PHE A 28 8.25 4.21 7.46
N GLY A 29 8.65 4.01 6.21
CA GLY A 29 10.06 3.90 5.88
C GLY A 29 10.58 2.48 6.02
N ASN A 30 9.96 1.72 6.91
CA ASN A 30 10.36 0.33 7.15
C ASN A 30 9.82 -0.58 6.05
N TRP A 31 9.93 -0.14 4.81
CA TRP A 31 9.44 -0.93 3.67
C TRP A 31 9.77 -2.40 3.85
N GLN A 32 10.89 -2.68 4.51
CA GLN A 32 11.32 -4.05 4.74
C GLN A 32 10.31 -4.79 5.62
N ASP A 33 10.11 -4.29 6.82
CA ASP A 33 9.17 -4.90 7.77
C ASP A 33 7.79 -5.03 7.14
N VAL A 34 7.35 -3.98 6.47
CA VAL A 34 6.03 -3.97 5.83
C VAL A 34 5.93 -5.09 4.80
N ALA A 35 7.02 -5.33 4.08
CA ALA A 35 7.05 -6.38 3.05
C ALA A 35 6.57 -7.71 3.63
N ASN A 36 6.55 -7.81 4.95
CA ASN A 36 6.12 -9.03 5.63
C ASN A 36 4.76 -9.49 5.10
N GLN A 37 3.75 -8.64 5.27
CA GLN A 37 2.40 -8.96 4.81
C GLN A 37 2.21 -8.54 3.36
N MET A 38 3.10 -7.67 2.88
CA MET A 38 3.02 -7.18 1.50
C MET A 38 3.88 -8.05 0.58
N CYS A 39 4.56 -9.03 1.15
CA CYS A 39 5.41 -9.92 0.38
C CYS A 39 4.85 -10.14 -1.02
N THR A 40 3.54 -10.07 -1.14
CA THR A 40 2.87 -10.25 -2.43
C THR A 40 3.53 -9.40 -3.51
N LYS A 41 4.34 -8.43 -3.08
CA LYS A 41 5.03 -7.55 -4.01
C LYS A 41 6.42 -7.20 -3.50
N THR A 42 7.10 -6.31 -4.22
CA THR A 42 8.45 -5.88 -3.84
C THR A 42 8.39 -4.67 -2.93
N LYS A 43 9.17 -4.70 -1.85
CA LYS A 43 9.22 -3.60 -0.91
C LYS A 43 9.25 -2.26 -1.63
N GLU A 44 9.87 -2.25 -2.81
CA GLU A 44 9.98 -1.03 -3.60
C GLU A 44 8.60 -0.59 -4.11
N GLU A 45 7.79 -1.56 -4.51
CA GLU A 45 6.45 -1.27 -5.00
C GLU A 45 5.52 -0.86 -3.87
N CYS A 46 5.62 -1.55 -2.74
CA CYS A 46 4.79 -1.25 -1.58
C CYS A 46 4.87 0.23 -1.22
N GLU A 47 6.02 0.84 -1.50
CA GLU A 47 6.22 2.25 -1.20
C GLU A 47 5.46 3.13 -2.19
N LYS A 48 5.85 3.07 -3.46
CA LYS A 48 5.21 3.85 -4.50
C LYS A 48 3.69 3.77 -4.39
N HIS A 49 3.18 2.54 -4.27
CA HIS A 49 1.74 2.32 -4.16
C HIS A 49 1.16 3.09 -2.97
N TYR A 50 1.91 3.13 -1.88
CA TYR A 50 1.47 3.84 -0.68
C TYR A 50 1.44 5.34 -0.91
N MET A 51 2.62 5.90 -1.22
CA MET A 51 2.73 7.34 -1.47
C MET A 51 1.94 7.74 -2.71
N LYS A 52 1.50 6.75 -3.47
CA LYS A 52 0.73 7.00 -4.69
C LYS A 52 -0.66 7.53 -4.35
N TYR A 53 -1.38 6.80 -3.51
CA TYR A 53 -2.73 7.21 -3.11
C TYR A 53 -2.71 7.86 -1.73
N PHE A 54 -2.37 7.08 -0.72
CA PHE A 54 -2.30 7.58 0.66
C PHE A 54 -1.67 8.96 0.70
N SER A 55 -0.47 9.08 0.15
CA SER A 55 0.25 10.35 0.13
C SER A 55 -0.21 11.22 -1.04
N GLY A 56 -1.53 11.31 -1.22
CA GLY A 56 -2.07 12.10 -2.30
C GLY A 56 -1.44 11.77 -3.64
N PRO A 57 -1.85 12.50 -4.69
CA PRO A 57 -1.35 12.30 -6.05
C PRO A 57 0.11 12.73 -6.19
N SER A 58 0.59 13.50 -5.22
CA SER A 58 1.97 13.98 -5.24
C SER A 58 2.94 12.86 -4.89
N SER A 59 3.71 12.44 -5.89
CA SER A 59 4.69 11.36 -5.70
C SER A 59 6.12 11.89 -5.86
N GLY A 60 7.01 11.42 -5.00
CA GLY A 60 8.40 11.86 -5.06
C GLY A 60 8.53 13.36 -5.25
#